data_6BS5
#
_entry.id   6BS5
#
_cell.length_a   121.129
_cell.length_b   121.129
_cell.length_c   120.542
_cell.angle_alpha   90.00
_cell.angle_beta   90.00
_cell.angle_gamma   120.00
#
_symmetry.space_group_name_H-M   'P 32 2 1'
#
loop_
_entity.id
_entity.type
_entity.pdbx_description
1 polymer 'Putative ATPase Rv3679'
2 polymer 'Anion transporter'
3 non-polymer 'PHOSPHOAMINOPHOSPHONIC ACID-ADENYLATE ESTER'
4 non-polymer 'MAGNESIUM ION'
#
loop_
_entity_poly.entity_id
_entity_poly.type
_entity_poly.pdbx_seq_one_letter_code
_entity_poly.pdbx_strand_id
1 'polypeptide(L)'
;MVATTSSGGSSVGWPSRLSGVRLHLVTGKGGTGKSTIAAALALTLAAGGRKVLLVEVEGRQGIAQLFDVPPLPYQELKIA
TAERGGQVNALAIDIEAAFLEYLDMFYNLGIAGRAMRRIGAVEFATTIAPGLRDVLLTGKIKETVVRLDKNKLPVYDAIV
VDAPPTGRIARFLDVTKAVSDLAKGGPVHAQSEGVVKLLHSNQTAIHLVTLLEALPVQETLEAIEELAQMELPIGSVIVN
RNIPAHLEPQDLAKAAEGEVDADSVRAGLLTAGVKLPDADFAGLLTETIQHATRITARAEIAQQLDALQVPRLELPTVSD
GVDLGSLYELSESLAQQGVR
;
A
2 'polypeptide(L)'
;MSVTPKTLDMGAILADTSNRVVVCCGAGGVGKTTTAAALALRAAEYGRTVVVLTIDPAKRLAQALGINDLGNTPQRVPLA
PEVPGELHAMMLDMRRTFDEMVMQYSGPERAQSILDNQFYQTVATSLAGTQEYMAMEKLGQLLSQDRWDLIVVDTPPSRN
ALDFLDAPKRLGSFMDSRLWRLLLAPGRGIGRLITGVMGLAMKALSTVLGSQMLADAAAFVQSLDATFGGFREKADRTYA
LLKRRGTQFVVVSAAEPDALREASFFVDRLSQESMPLAGLVFNRTHPMLCALPIERAIDAAETLDAETTDSDATSLAAAV
LRIHAERGQTAKREIRLLSRFTGANPTVPVVGVPSLPFDVSDLEALRALADQLTTVGNDAGRAAGRLEHHHHHH
;
B
#
loop_
_chem_comp.id
_chem_comp.type
_chem_comp.name
_chem_comp.formula
ANP non-polymer 'PHOSPHOAMINOPHOSPHONIC ACID-ADENYLATE ESTER' 'C10 H17 N6 O12 P3'
MG non-polymer 'MAGNESIUM ION' 'Mg 2'
#
# COMPACT_ATOMS: atom_id res chain seq x y z
N SER A 11 8.26 27.39 -9.76
CA SER A 11 7.03 26.89 -10.37
C SER A 11 7.33 25.75 -11.33
N VAL A 12 8.56 25.75 -11.85
CA VAL A 12 9.00 24.64 -12.70
C VAL A 12 9.07 23.34 -11.90
N GLY A 13 8.76 22.24 -12.57
CA GLY A 13 8.80 20.91 -11.97
C GLY A 13 10.17 20.26 -11.87
N TRP A 14 11.19 20.80 -12.54
CA TRP A 14 12.47 20.12 -12.65
C TRP A 14 13.54 21.20 -12.76
N PRO A 15 13.90 21.81 -11.64
CA PRO A 15 15.04 22.73 -11.64
C PRO A 15 16.25 22.09 -12.28
N SER A 16 17.05 22.92 -12.92
CA SER A 16 18.21 22.42 -13.65
C SER A 16 19.12 21.60 -12.77
N ARG A 17 19.20 21.94 -11.47
CA ARG A 17 20.05 21.16 -10.58
C ARG A 17 19.69 19.68 -10.59
N LEU A 18 18.42 19.33 -10.78
CA LEU A 18 18.08 17.90 -10.81
C LEU A 18 18.68 17.23 -12.02
N SER A 19 19.17 18.00 -12.99
CA SER A 19 19.80 17.41 -14.15
C SER A 19 21.20 16.94 -13.84
N GLY A 20 21.83 17.45 -12.80
CA GLY A 20 23.14 16.94 -12.44
C GLY A 20 23.12 15.84 -11.41
N VAL A 21 21.93 15.53 -10.89
CA VAL A 21 21.75 14.43 -9.95
C VAL A 21 22.09 13.12 -10.64
N ARG A 22 22.87 12.27 -9.98
CA ARG A 22 23.15 10.94 -10.49
C ARG A 22 22.29 9.85 -9.87
N LEU A 23 21.74 10.05 -8.66
CA LEU A 23 20.95 9.04 -7.94
C LEU A 23 19.57 9.59 -7.64
N HIS A 24 18.54 9.07 -8.32
CA HIS A 24 17.15 9.49 -8.06
C HIS A 24 16.44 8.38 -7.31
N LEU A 25 15.93 8.69 -6.12
CA LEU A 25 15.16 7.74 -5.32
C LEU A 25 13.70 8.13 -5.41
N VAL A 26 12.86 7.19 -5.83
CA VAL A 26 11.43 7.44 -5.99
C VAL A 26 10.67 6.75 -4.88
N THR A 27 10.14 7.53 -3.97
CA THR A 27 9.36 6.97 -2.89
C THR A 27 7.93 7.49 -2.98
N GLY A 28 7.17 7.22 -1.95
CA GLY A 28 5.76 7.52 -1.92
C GLY A 28 4.98 6.43 -1.20
N LYS A 29 3.78 6.76 -0.78
CA LYS A 29 3.01 5.77 -0.07
C LYS A 29 2.67 4.61 -0.99
N GLY A 30 2.48 3.46 -0.38
CA GLY A 30 2.10 2.26 -1.10
C GLY A 30 0.92 2.47 -2.02
N GLY A 31 1.03 1.90 -3.21
CA GLY A 31 0.00 1.97 -4.22
C GLY A 31 -0.11 3.28 -4.96
N THR A 32 0.80 4.25 -4.73
CA THR A 32 0.70 5.49 -5.51
C THR A 32 1.40 5.43 -6.86
N GLY A 33 2.35 4.52 -7.07
CA GLY A 33 2.87 4.33 -8.42
C GLY A 33 4.39 4.51 -8.47
N LYS A 34 5.04 4.28 -7.33
CA LYS A 34 6.50 4.38 -7.28
C LYS A 34 7.10 3.58 -8.41
N SER A 35 6.65 2.34 -8.59
CA SER A 35 7.29 1.47 -9.57
C SER A 35 7.06 1.98 -10.98
N THR A 36 5.82 2.33 -11.29
CA THR A 36 5.53 2.89 -12.62
C THR A 36 6.34 4.14 -12.90
N ILE A 37 6.39 5.07 -11.95
CA ILE A 37 7.01 6.35 -12.20
C ILE A 37 8.53 6.23 -12.18
N ALA A 38 9.07 5.35 -11.37
CA ALA A 38 10.50 5.15 -11.40
C ALA A 38 10.88 4.58 -12.76
N ALA A 39 10.04 3.71 -13.31
CA ALA A 39 10.33 3.21 -14.66
C ALA A 39 10.23 4.29 -15.73
N ALA A 40 9.17 5.11 -15.71
CA ALA A 40 9.06 6.20 -16.69
C ALA A 40 10.17 7.23 -16.52
N LEU A 41 10.55 7.52 -15.28
CA LEU A 41 11.66 8.41 -15.04
C LEU A 41 12.93 7.85 -15.65
N ALA A 42 13.20 6.57 -15.43
CA ALA A 42 14.38 5.98 -16.05
C ALA A 42 14.33 6.16 -17.56
N LEU A 43 13.19 5.84 -18.20
CA LEU A 43 13.07 6.09 -19.64
C LEU A 43 13.34 7.54 -19.98
N THR A 44 12.82 8.48 -19.20
CA THR A 44 13.01 9.88 -19.54
C THR A 44 14.48 10.26 -19.48
N LEU A 45 15.18 9.82 -18.45
CA LEU A 45 16.57 10.22 -18.34
C LEU A 45 17.46 9.45 -19.30
N ALA A 46 16.97 8.35 -19.87
CA ALA A 46 17.75 7.55 -20.78
C ALA A 46 17.68 8.07 -22.20
N ALA A 47 16.66 8.84 -22.54
CA ALA A 47 16.53 9.33 -23.89
C ALA A 47 17.81 10.01 -24.31
N GLY A 48 18.11 9.93 -25.60
CA GLY A 48 19.33 10.49 -26.12
C GLY A 48 20.60 9.73 -25.89
N GLY A 49 20.56 8.42 -26.11
CA GLY A 49 21.78 7.62 -26.04
C GLY A 49 22.50 7.62 -24.71
N ARG A 50 21.78 7.76 -23.62
CA ARG A 50 22.34 7.65 -22.28
C ARG A 50 21.98 6.26 -21.73
N LYS A 51 22.65 5.87 -20.65
CA LYS A 51 22.45 4.57 -20.00
C LYS A 51 22.11 4.80 -18.55
N VAL A 52 20.90 4.37 -18.15
CA VAL A 52 20.37 4.56 -16.80
C VAL A 52 20.03 3.20 -16.20
N LEU A 53 20.31 3.03 -14.91
CA LEU A 53 20.00 1.79 -14.19
C LEU A 53 18.78 1.96 -13.29
N LEU A 54 17.77 1.09 -13.47
CA LEU A 54 16.57 1.09 -12.65
C LEU A 54 16.65 -0.05 -11.63
N VAL A 55 16.60 0.31 -10.34
CA VAL A 55 16.92 -0.55 -9.20
C VAL A 55 15.72 -0.70 -8.29
N GLU A 56 15.43 -1.92 -7.85
CA GLU A 56 14.47 -2.13 -6.78
C GLU A 56 15.12 -2.92 -5.65
N VAL A 57 14.65 -2.73 -4.42
CA VAL A 57 15.44 -3.12 -3.25
C VAL A 57 14.69 -4.00 -2.26
N GLU A 58 13.43 -4.34 -2.51
CA GLU A 58 12.57 -5.02 -1.56
C GLU A 58 12.32 -6.48 -1.92
N GLY A 59 13.02 -7.01 -2.92
CA GLY A 59 12.80 -8.39 -3.29
C GLY A 59 11.47 -8.68 -3.91
N ARG A 60 10.70 -7.63 -4.19
CA ARG A 60 9.35 -7.79 -4.75
C ARG A 60 9.26 -8.00 -6.26
N GLN A 61 10.41 -8.13 -6.93
CA GLN A 61 10.38 -8.32 -8.37
C GLN A 61 9.40 -7.40 -9.06
N GLY A 62 9.24 -6.19 -8.54
CA GLY A 62 8.30 -5.29 -9.16
C GLY A 62 8.67 -4.84 -10.55
N ILE A 63 9.96 -4.79 -10.88
CA ILE A 63 10.35 -4.40 -12.23
C ILE A 63 9.90 -5.44 -13.23
N ALA A 64 10.22 -6.70 -12.96
CA ALA A 64 9.79 -7.77 -13.84
C ALA A 64 8.27 -7.77 -13.95
N GLN A 65 7.56 -7.57 -12.83
CA GLN A 65 6.11 -7.50 -12.89
C GLN A 65 5.63 -6.34 -13.76
N LEU A 66 6.27 -5.17 -13.63
CA LEU A 66 5.91 -4.02 -14.42
C LEU A 66 6.04 -4.28 -15.91
N PHE A 67 7.11 -4.93 -16.31
CA PHE A 67 7.37 -5.20 -17.71
C PHE A 67 6.77 -6.53 -18.12
N ASP A 68 6.01 -7.17 -17.23
CA ASP A 68 5.34 -8.42 -17.53
C ASP A 68 6.34 -9.49 -18.00
N VAL A 69 7.44 -9.65 -17.26
CA VAL A 69 8.41 -10.69 -17.64
C VAL A 69 8.74 -11.57 -16.44
N PRO A 70 9.37 -12.74 -16.63
CA PRO A 70 9.69 -13.60 -15.50
C PRO A 70 10.66 -12.90 -14.57
N PRO A 71 10.76 -13.36 -13.32
CA PRO A 71 11.63 -12.71 -12.34
C PRO A 71 13.07 -12.50 -12.82
N LEU A 72 13.56 -11.35 -12.56
CA LEU A 72 14.91 -11.03 -13.00
C LEU A 72 15.94 -11.57 -12.00
N PRO A 73 17.05 -12.08 -12.52
CA PRO A 73 18.16 -12.53 -11.68
C PRO A 73 18.99 -11.35 -11.18
N TYR A 74 19.95 -11.67 -10.30
CA TYR A 74 20.84 -10.64 -9.75
C TYR A 74 21.95 -10.32 -10.74
N GLN A 75 21.56 -9.64 -11.82
CA GLN A 75 22.44 -9.13 -12.88
C GLN A 75 21.80 -7.90 -13.49
N GLU A 76 22.63 -6.95 -13.89
CA GLU A 76 22.17 -5.76 -14.58
C GLU A 76 21.91 -6.11 -16.03
N LEU A 77 20.65 -5.99 -16.47
CA LEU A 77 20.30 -6.45 -17.80
C LEU A 77 19.49 -5.40 -18.52
N LYS A 78 19.71 -5.28 -19.81
CA LYS A 78 18.96 -4.31 -20.58
C LYS A 78 17.49 -4.73 -20.58
N ILE A 79 16.62 -3.82 -20.15
CA ILE A 79 15.19 -4.11 -20.07
C ILE A 79 14.37 -3.20 -20.98
N ALA A 80 14.89 -2.05 -21.41
CA ALA A 80 14.07 -1.18 -22.26
C ALA A 80 14.97 -0.30 -23.13
N THR A 81 14.51 0.00 -24.35
CA THR A 81 15.17 0.97 -25.21
C THR A 81 14.50 2.33 -25.07
N ALA A 82 15.28 3.38 -24.82
CA ALA A 82 14.78 4.76 -24.72
C ALA A 82 14.89 5.49 -26.05
N GLU A 83 14.21 6.67 -26.12
CA GLU A 83 14.27 7.54 -27.30
C GLU A 83 15.69 7.73 -27.80
N ARG A 84 15.83 7.66 -29.11
CA ARG A 84 17.08 8.03 -29.76
C ARG A 84 18.22 7.20 -29.17
N GLY A 85 17.96 5.90 -28.96
CA GLY A 85 19.05 5.02 -28.66
C GLY A 85 19.51 4.97 -27.22
N GLY A 86 18.71 5.43 -26.28
CA GLY A 86 19.09 5.22 -24.90
C GLY A 86 18.72 3.84 -24.41
N GLN A 87 19.21 3.50 -23.22
CA GLN A 87 19.07 2.15 -22.73
C GLN A 87 18.78 2.21 -21.24
N VAL A 88 17.78 1.46 -20.82
CA VAL A 88 17.48 1.24 -19.41
C VAL A 88 17.77 -0.22 -19.07
N ASN A 89 18.68 -0.39 -18.12
CA ASN A 89 18.97 -1.64 -17.45
C ASN A 89 18.15 -1.76 -16.18
N ALA A 90 17.93 -2.99 -15.77
CA ALA A 90 17.18 -3.34 -14.57
C ALA A 90 18.10 -4.04 -13.59
N LEU A 91 17.95 -3.74 -12.31
CA LEU A 91 18.65 -4.51 -11.28
C LEU A 91 17.68 -4.80 -10.13
N ALA A 92 17.16 -6.02 -10.09
CA ALA A 92 16.38 -6.44 -8.95
C ALA A 92 17.39 -6.98 -7.95
N ILE A 93 17.71 -6.18 -6.94
CA ILE A 93 18.76 -6.55 -6.00
C ILE A 93 18.29 -7.75 -5.21
N ASP A 94 19.14 -8.75 -5.11
CA ASP A 94 18.88 -9.99 -4.40
C ASP A 94 19.62 -9.94 -3.05
N ILE A 95 18.90 -9.72 -1.96
CA ILE A 95 19.63 -9.47 -0.72
C ILE A 95 20.49 -10.67 -0.34
N GLU A 96 20.06 -11.89 -0.61
CA GLU A 96 20.89 -13.03 -0.22
C GLU A 96 22.21 -13.04 -0.97
N ALA A 97 22.15 -12.90 -2.30
CA ALA A 97 23.38 -12.83 -3.07
C ALA A 97 24.23 -11.63 -2.66
N ALA A 98 23.58 -10.51 -2.34
CA ALA A 98 24.31 -9.33 -1.93
C ALA A 98 25.03 -9.59 -0.62
N PHE A 99 24.39 -10.34 0.28
CA PHE A 99 25.06 -10.73 1.51
C PHE A 99 26.26 -11.62 1.25
N LEU A 100 26.11 -12.61 0.37
CA LEU A 100 27.24 -13.46 0.03
C LEU A 100 28.38 -12.65 -0.57
N GLU A 101 28.07 -11.82 -1.54
CA GLU A 101 29.03 -10.89 -2.11
C GLU A 101 29.76 -10.13 -1.00
N TYR A 102 28.99 -9.66 0.00
CA TYR A 102 29.60 -8.87 1.06
C TYR A 102 30.58 -9.71 1.89
N LEU A 103 30.14 -10.88 2.36
CA LEU A 103 31.05 -11.75 3.11
C LEU A 103 32.34 -12.02 2.34
N ASP A 104 32.23 -12.36 1.06
CA ASP A 104 33.45 -12.72 0.33
C ASP A 104 34.35 -11.50 0.12
N MET A 105 33.77 -10.37 -0.24
CA MET A 105 34.61 -9.22 -0.59
C MET A 105 35.27 -8.63 0.64
N PHE A 106 34.54 -8.56 1.75
CA PHE A 106 35.05 -7.84 2.90
C PHE A 106 35.53 -8.71 4.04
N TYR A 107 35.17 -9.98 4.07
CA TYR A 107 35.64 -10.87 5.11
C TYR A 107 36.24 -12.16 4.56
N ASN A 108 36.32 -12.30 3.24
CA ASN A 108 36.81 -13.52 2.60
C ASN A 108 36.19 -14.76 3.23
N LEU A 109 34.88 -14.67 3.47
CA LEU A 109 34.07 -15.74 4.06
C LEU A 109 33.11 -16.34 3.03
N GLY A 110 33.53 -16.40 1.77
CA GLY A 110 32.68 -16.99 0.75
C GLY A 110 32.31 -18.43 1.07
N ILE A 111 33.25 -19.17 1.67
CA ILE A 111 33.01 -20.58 1.98
C ILE A 111 31.89 -20.69 3.01
N ALA A 112 32.04 -19.98 4.13
CA ALA A 112 30.98 -19.96 5.13
C ALA A 112 29.66 -19.54 4.48
N GLY A 113 29.69 -18.47 3.69
CA GLY A 113 28.47 -17.97 3.05
C GLY A 113 27.75 -19.01 2.22
N ARG A 114 28.49 -19.73 1.36
CA ARG A 114 27.86 -20.76 0.55
C ARG A 114 27.31 -21.89 1.43
N ALA A 115 27.93 -22.12 2.59
CA ALA A 115 27.34 -23.09 3.51
C ALA A 115 26.03 -22.56 4.06
N MET A 116 25.98 -21.26 4.39
CA MET A 116 24.73 -20.67 4.90
C MET A 116 23.62 -20.75 3.86
N ARG A 117 23.93 -20.52 2.60
CA ARG A 117 22.86 -20.59 1.61
C ARG A 117 22.13 -21.94 1.68
N ARG A 118 22.88 -23.00 1.97
CA ARG A 118 22.31 -24.38 2.00
C ARG A 118 21.21 -24.54 3.06
N ILE A 119 21.38 -23.97 4.26
CA ILE A 119 20.41 -24.19 5.37
C ILE A 119 19.44 -22.99 5.56
N GLY A 120 19.39 -22.03 4.63
CA GLY A 120 18.52 -20.89 4.85
C GLY A 120 19.07 -19.83 5.78
N ALA A 121 20.37 -19.86 6.07
CA ALA A 121 20.92 -18.97 7.09
C ALA A 121 21.12 -17.55 6.61
N VAL A 122 21.19 -17.32 5.31
CA VAL A 122 21.38 -15.95 4.83
C VAL A 122 20.07 -15.18 4.97
N GLU A 123 18.98 -15.81 4.54
CA GLU A 123 17.63 -15.34 4.85
C GLU A 123 17.52 -14.98 6.32
N PHE A 124 17.97 -15.89 7.20
CA PHE A 124 17.87 -15.65 8.62
C PHE A 124 18.60 -14.37 9.01
N ALA A 125 19.90 -14.29 8.68
CA ALA A 125 20.71 -13.13 9.03
C ALA A 125 20.14 -11.82 8.48
N THR A 126 19.70 -11.80 7.22
CA THR A 126 19.15 -10.56 6.68
C THR A 126 17.85 -10.18 7.38
N THR A 127 17.04 -11.19 7.72
CA THR A 127 15.75 -10.92 8.34
C THR A 127 15.89 -10.39 9.77
N ILE A 128 16.75 -11.08 10.55
CA ILE A 128 17.01 -10.77 11.98
C ILE A 128 17.65 -9.39 12.12
N ALA A 129 18.61 -9.07 11.25
CA ALA A 129 19.28 -7.75 11.33
C ALA A 129 18.74 -6.82 10.25
N PRO A 130 17.87 -5.84 10.60
CA PRO A 130 17.33 -4.89 9.63
C PRO A 130 18.46 -3.98 9.09
N GLY A 131 19.38 -3.59 9.97
CA GLY A 131 20.45 -2.67 9.62
C GLY A 131 21.44 -3.25 8.64
N LEU A 132 21.85 -4.50 8.83
CA LEU A 132 22.67 -5.15 7.83
C LEU A 132 21.99 -5.10 6.47
N ARG A 133 20.69 -5.36 6.44
CA ARG A 133 19.97 -5.36 5.18
C ARG A 133 20.14 -4.02 4.47
N ASP A 134 19.93 -2.93 5.22
CA ASP A 134 19.99 -1.61 4.60
C ASP A 134 21.43 -1.26 4.18
N VAL A 135 22.42 -1.67 4.98
CA VAL A 135 23.82 -1.49 4.57
C VAL A 135 24.08 -2.16 3.22
N LEU A 136 23.66 -3.42 3.07
CA LEU A 136 23.88 -4.12 1.81
C LEU A 136 23.22 -3.38 0.64
N LEU A 137 21.95 -2.97 0.83
CA LEU A 137 21.18 -2.39 -0.27
C LEU A 137 21.73 -1.03 -0.65
N THR A 138 21.92 -0.17 0.35
CA THR A 138 22.44 1.17 0.08
C THR A 138 23.87 1.09 -0.42
N GLY A 139 24.64 0.14 0.10
CA GLY A 139 25.99 -0.09 -0.39
C GLY A 139 26.04 -0.49 -1.86
N LYS A 140 25.10 -1.34 -2.27
CA LYS A 140 25.06 -1.74 -3.65
C LYS A 140 24.63 -0.57 -4.51
N ILE A 141 23.68 0.23 -4.02
CA ILE A 141 23.29 1.43 -4.77
C ILE A 141 24.49 2.33 -4.97
N LYS A 142 25.23 2.62 -3.91
CA LYS A 142 26.41 3.45 -4.05
C LYS A 142 27.39 2.84 -5.04
N GLU A 143 27.52 1.52 -5.03
CA GLU A 143 28.47 0.92 -5.96
C GLU A 143 28.05 1.16 -7.42
N THR A 144 26.74 1.10 -7.70
CA THR A 144 26.30 1.33 -9.07
C THR A 144 26.40 2.80 -9.44
N VAL A 145 26.25 3.71 -8.46
CA VAL A 145 26.33 5.13 -8.76
C VAL A 145 27.75 5.51 -9.14
N VAL A 146 28.74 5.03 -8.37
CA VAL A 146 30.13 5.48 -8.57
C VAL A 146 30.97 4.63 -9.52
N ARG A 147 30.42 3.58 -10.12
CA ARG A 147 31.25 2.70 -10.96
C ARG A 147 31.75 3.39 -12.22
N LEU A 148 33.04 3.16 -12.52
CA LEU A 148 33.74 3.78 -13.65
C LEU A 148 34.11 2.71 -14.67
N ASP A 149 34.23 3.14 -15.94
CA ASP A 149 34.53 2.22 -17.04
C ASP A 149 36.04 2.21 -17.29
N LYS A 150 36.47 1.71 -18.47
CA LYS A 150 37.90 1.64 -18.80
C LYS A 150 38.51 3.02 -18.90
N ASN A 151 37.73 4.03 -19.29
CA ASN A 151 38.20 5.39 -19.52
C ASN A 151 38.00 6.31 -18.34
N LYS A 152 37.82 5.78 -17.12
CA LYS A 152 37.60 6.60 -15.92
C LYS A 152 36.32 7.40 -15.99
N LEU A 153 35.35 6.95 -16.84
CA LEU A 153 34.05 7.58 -17.03
C LEU A 153 32.94 6.78 -16.34
N PRO A 154 31.87 7.42 -15.89
CA PRO A 154 30.80 6.72 -15.16
C PRO A 154 30.09 5.72 -16.05
N VAL A 155 29.95 4.49 -15.54
CA VAL A 155 29.22 3.46 -16.29
C VAL A 155 27.79 3.88 -16.62
N TYR A 156 27.08 4.50 -15.67
CA TYR A 156 25.68 4.90 -15.84
C TYR A 156 25.52 6.41 -15.83
N ASP A 157 24.69 6.94 -16.73
CA ASP A 157 24.37 8.36 -16.69
C ASP A 157 23.53 8.71 -15.48
N ALA A 158 22.73 7.79 -14.98
CA ALA A 158 21.93 8.03 -13.78
C ALA A 158 21.43 6.70 -13.24
N ILE A 159 21.19 6.65 -11.93
CA ILE A 159 20.59 5.49 -11.28
C ILE A 159 19.26 5.96 -10.69
N VAL A 160 18.17 5.26 -11.04
CA VAL A 160 16.83 5.51 -10.50
C VAL A 160 16.43 4.27 -9.68
N VAL A 161 16.10 4.51 -8.40
CA VAL A 161 15.70 3.49 -7.41
C VAL A 161 14.21 3.57 -7.13
N ASP A 162 13.50 2.50 -7.47
CA ASP A 162 12.17 2.23 -6.94
C ASP A 162 12.29 1.95 -5.44
N ALA A 163 12.11 2.96 -4.61
CA ALA A 163 12.59 2.85 -3.24
C ALA A 163 11.52 2.29 -2.32
N PRO A 164 11.88 2.02 -1.06
CA PRO A 164 10.89 1.58 -0.10
C PRO A 164 9.91 2.71 0.12
N PRO A 165 8.75 2.45 0.67
CA PRO A 165 7.72 3.50 0.71
C PRO A 165 7.95 4.61 1.72
N THR A 166 7.06 5.59 1.75
CA THR A 166 7.28 6.80 2.56
C THR A 166 7.40 6.47 4.04
N GLY A 167 6.72 5.44 4.50
CA GLY A 167 6.84 5.14 5.90
C GLY A 167 8.16 4.50 6.28
N ARG A 168 8.96 4.05 5.30
CA ARG A 168 10.24 3.43 5.58
C ARG A 168 11.42 4.14 4.98
N ILE A 169 11.21 5.14 4.15
CA ILE A 169 12.31 5.65 3.37
C ILE A 169 13.33 6.31 4.27
N ALA A 170 12.88 6.96 5.34
CA ALA A 170 13.83 7.71 6.17
C ALA A 170 14.76 6.76 6.91
N ARG A 171 14.19 5.72 7.53
CA ARG A 171 15.02 4.69 8.16
C ARG A 171 15.89 3.95 7.14
N PHE A 172 15.34 3.71 5.95
CA PHE A 172 16.12 3.00 4.95
C PHE A 172 17.41 3.74 4.64
N LEU A 173 17.31 5.07 4.58
CA LEU A 173 18.45 5.96 4.26
C LEU A 173 19.25 6.33 5.52
N ASP A 174 18.83 5.81 6.68
CA ASP A 174 19.54 6.11 7.95
C ASP A 174 20.75 5.17 8.06
N VAL A 175 21.83 5.54 7.37
CA VAL A 175 23.09 4.72 7.33
C VAL A 175 23.72 4.63 8.73
N THR A 176 23.72 5.73 9.49
CA THR A 176 24.34 5.67 10.81
C THR A 176 23.64 4.66 11.69
N LYS A 177 22.31 4.66 11.69
CA LYS A 177 21.58 3.69 12.49
C LYS A 177 21.79 2.29 11.95
N ALA A 178 21.88 2.16 10.63
CA ALA A 178 22.06 0.82 10.07
C ALA A 178 23.38 0.24 10.55
N VAL A 179 24.46 1.04 10.49
CA VAL A 179 25.77 0.54 10.88
C VAL A 179 25.90 0.36 12.37
N SER A 180 24.96 0.92 13.15
CA SER A 180 25.10 0.80 14.60
C SER A 180 25.11 -0.65 15.07
N ASP A 181 24.36 -1.53 14.42
CA ASP A 181 24.25 -2.93 14.82
C ASP A 181 25.16 -3.90 14.07
N LEU A 182 26.25 -3.41 13.49
CA LEU A 182 27.26 -4.23 12.83
C LEU A 182 28.54 -4.27 13.65
N ALA A 183 29.35 -5.29 13.40
CA ALA A 183 30.62 -5.41 14.08
C ALA A 183 31.42 -4.14 13.90
N LYS A 184 32.07 -3.68 14.98
CA LYS A 184 32.88 -2.47 14.91
C LYS A 184 34.22 -2.72 14.21
N GLY A 185 34.83 -1.64 13.68
CA GLY A 185 36.06 -1.77 12.95
C GLY A 185 35.85 -2.42 11.59
N GLY A 186 36.96 -2.82 10.99
CA GLY A 186 36.91 -3.48 9.70
C GLY A 186 36.51 -2.52 8.61
N PRO A 187 36.11 -3.08 7.46
CA PRO A 187 35.98 -2.27 6.24
C PRO A 187 34.60 -1.64 6.05
N VAL A 188 33.57 -2.29 6.60
CA VAL A 188 32.19 -1.78 6.48
C VAL A 188 32.08 -0.33 6.92
N HIS A 189 32.65 0.01 8.07
CA HIS A 189 32.60 1.40 8.54
C HIS A 189 33.35 2.33 7.61
N ALA A 190 34.33 1.81 6.87
CA ALA A 190 35.00 2.65 5.89
C ALA A 190 34.04 2.99 4.75
N GLN A 191 33.34 1.99 4.20
CA GLN A 191 32.48 2.30 3.09
C GLN A 191 31.25 3.09 3.51
N SER A 192 30.82 2.97 4.77
CA SER A 192 29.61 3.69 5.19
C SER A 192 29.82 5.20 5.15
N GLU A 193 31.04 5.69 5.41
CA GLU A 193 31.24 7.13 5.33
C GLU A 193 30.99 7.57 3.90
N GLY A 194 31.42 6.74 2.94
CA GLY A 194 31.22 7.10 1.54
C GLY A 194 29.76 7.07 1.17
N VAL A 195 29.00 6.13 1.74
CA VAL A 195 27.57 6.09 1.45
C VAL A 195 26.87 7.34 1.97
N VAL A 196 27.18 7.73 3.19
CA VAL A 196 26.56 8.92 3.75
C VAL A 196 26.89 10.16 2.92
N LYS A 197 28.15 10.25 2.48
CA LYS A 197 28.53 11.40 1.65
C LYS A 197 27.67 11.44 0.40
N LEU A 198 27.57 10.32 -0.34
CA LEU A 198 26.74 10.31 -1.53
C LEU A 198 25.31 10.76 -1.22
N LEU A 199 24.70 10.17 -0.19
CA LEU A 199 23.29 10.48 0.08
C LEU A 199 23.08 11.93 0.39
N HIS A 200 24.05 12.57 1.02
CA HIS A 200 23.86 13.96 1.40
C HIS A 200 24.30 14.96 0.35
N SER A 201 24.82 14.52 -0.78
CA SER A 201 25.34 15.43 -1.77
C SER A 201 24.29 15.88 -2.77
N ASN A 202 24.71 16.79 -3.66
CA ASN A 202 23.93 17.20 -4.81
C ASN A 202 23.93 16.16 -5.92
N GLN A 203 24.55 15.00 -5.68
CA GLN A 203 24.42 13.84 -6.57
C GLN A 203 23.13 13.08 -6.35
N THR A 204 22.41 13.34 -5.27
CA THR A 204 21.26 12.54 -4.89
C THR A 204 20.03 13.42 -4.82
N ALA A 205 18.86 12.82 -5.08
CA ALA A 205 17.57 13.47 -4.88
C ALA A 205 16.48 12.43 -4.62
N ILE A 206 15.57 12.76 -3.71
CA ILE A 206 14.43 11.91 -3.35
C ILE A 206 13.16 12.55 -3.92
N HIS A 207 12.49 11.84 -4.80
CA HIS A 207 11.21 12.26 -5.33
C HIS A 207 10.11 11.52 -4.59
N LEU A 208 8.99 12.18 -4.32
CA LEU A 208 7.90 11.57 -3.56
C LEU A 208 6.68 11.55 -4.42
N VAL A 209 6.26 10.37 -4.80
CA VAL A 209 5.01 10.22 -5.52
C VAL A 209 3.85 10.32 -4.55
N THR A 210 2.79 11.00 -4.96
CA THR A 210 1.59 11.08 -4.18
C THR A 210 0.39 11.10 -5.12
N LEU A 211 -0.74 10.65 -4.59
CA LEU A 211 -2.06 10.86 -5.17
C LEU A 211 -2.77 12.00 -4.45
N LEU A 212 -3.77 12.60 -5.12
CA LEU A 212 -4.60 13.63 -4.49
C LEU A 212 -5.66 12.99 -3.60
N GLU A 213 -5.17 12.29 -2.58
CA GLU A 213 -5.96 11.66 -1.54
C GLU A 213 -5.32 11.95 -0.19
N ALA A 214 -6.12 11.93 0.88
CA ALA A 214 -5.66 12.45 2.17
C ALA A 214 -4.39 11.73 2.65
N LEU A 215 -4.39 10.39 2.64
CA LEU A 215 -3.24 9.74 3.29
C LEU A 215 -1.96 9.89 2.48
N PRO A 216 -1.99 9.70 1.15
CA PRO A 216 -0.76 9.88 0.36
C PRO A 216 -0.17 11.27 0.54
N VAL A 217 -1.02 12.30 0.62
CA VAL A 217 -0.50 13.65 0.88
C VAL A 217 0.05 13.75 2.30
N GLN A 218 -0.68 13.24 3.30
CA GLN A 218 -0.19 13.34 4.67
C GLN A 218 1.19 12.72 4.80
N GLU A 219 1.37 11.51 4.24
CA GLU A 219 2.66 10.83 4.34
C GLU A 219 3.73 11.54 3.51
N THR A 220 3.34 12.10 2.38
CA THR A 220 4.29 12.94 1.64
C THR A 220 4.83 14.07 2.51
N LEU A 221 3.93 14.81 3.15
CA LEU A 221 4.34 15.91 4.03
C LEU A 221 5.24 15.41 5.17
N GLU A 222 4.82 14.36 5.85
CA GLU A 222 5.58 13.86 7.00
C GLU A 222 6.93 13.30 6.58
N ALA A 223 7.00 12.68 5.41
CA ALA A 223 8.25 12.13 4.93
C ALA A 223 9.18 13.27 4.57
N ILE A 224 8.65 14.31 3.90
CA ILE A 224 9.48 15.46 3.56
C ILE A 224 10.06 16.06 4.83
N GLU A 225 9.25 16.24 5.87
CA GLU A 225 9.74 16.75 7.16
C GLU A 225 10.87 15.88 7.73
N GLU A 226 10.63 14.57 7.82
CA GLU A 226 11.62 13.66 8.38
C GLU A 226 12.93 13.70 7.60
N LEU A 227 12.83 13.79 6.27
CA LEU A 227 14.01 13.76 5.45
C LEU A 227 14.77 15.06 5.52
N ALA A 228 14.05 16.19 5.66
CA ALA A 228 14.74 17.46 5.80
C ALA A 228 15.49 17.53 7.13
N GLN A 229 14.94 16.91 8.19
CA GLN A 229 15.67 16.86 9.46
C GLN A 229 16.96 16.10 9.32
N MET A 230 16.95 15.03 8.53
CA MET A 230 18.18 14.30 8.27
C MET A 230 19.10 15.03 7.29
N GLU A 231 18.69 16.15 6.72
CA GLU A 231 19.48 16.86 5.70
C GLU A 231 19.68 16.01 4.44
N LEU A 232 18.63 15.25 4.04
CA LEU A 232 18.66 14.51 2.79
C LEU A 232 17.97 15.34 1.71
N PRO A 233 18.50 15.37 0.49
CA PRO A 233 17.99 16.30 -0.53
C PRO A 233 16.65 15.87 -1.08
N ILE A 234 15.63 16.73 -1.00
CA ILE A 234 14.35 16.44 -1.63
C ILE A 234 14.43 16.84 -3.10
N GLY A 235 13.78 16.08 -3.97
CA GLY A 235 13.78 16.38 -5.39
C GLY A 235 12.45 16.98 -5.82
N SER A 236 11.48 16.14 -6.17
CA SER A 236 10.19 16.64 -6.60
C SER A 236 9.09 15.87 -5.91
N VAL A 237 7.97 16.54 -5.69
CA VAL A 237 6.75 15.81 -5.44
C VAL A 237 6.07 15.58 -6.78
N ILE A 238 5.71 14.33 -7.04
CA ILE A 238 5.14 13.91 -8.30
C ILE A 238 3.73 13.45 -8.00
N VAL A 239 2.74 14.25 -8.41
CA VAL A 239 1.32 13.94 -8.25
C VAL A 239 0.90 13.05 -9.41
N ASN A 240 0.58 11.81 -9.11
CA ASN A 240 0.22 10.81 -10.10
C ASN A 240 -1.31 10.78 -10.34
N ARG A 241 -1.71 10.20 -11.49
CA ARG A 241 -3.12 9.94 -11.87
C ARG A 241 -4.05 11.12 -11.66
N ASN A 242 -3.68 12.25 -12.24
CA ASN A 242 -4.60 13.37 -12.27
C ASN A 242 -5.75 13.06 -13.21
N ILE A 243 -6.86 13.77 -13.01
CA ILE A 243 -8.03 13.63 -13.87
C ILE A 243 -8.49 15.02 -14.29
N PRO A 244 -9.23 15.10 -15.39
CA PRO A 244 -9.70 16.41 -15.90
C PRO A 244 -10.86 16.99 -15.09
N ALA A 245 -10.74 18.28 -14.77
CA ALA A 245 -11.81 18.99 -14.07
C ALA A 245 -13.02 19.20 -14.98
N HIS A 246 -12.79 19.64 -16.22
CA HIS A 246 -13.85 19.88 -17.19
C HIS A 246 -14.72 21.08 -16.85
N LEU A 247 -14.45 21.82 -15.78
CA LEU A 247 -15.33 22.92 -15.44
C LEU A 247 -14.47 24.11 -15.09
N GLU A 248 -14.98 25.28 -15.41
CA GLU A 248 -14.18 26.45 -15.08
C GLU A 248 -14.34 26.73 -13.60
N PRO A 249 -13.30 27.31 -12.99
CA PRO A 249 -13.27 27.44 -11.52
C PRO A 249 -14.57 27.93 -10.90
N GLN A 250 -15.16 29.01 -11.41
CA GLN A 250 -16.40 29.53 -10.83
C GLN A 250 -17.51 28.49 -10.93
N ASP A 251 -17.69 27.91 -12.13
CA ASP A 251 -18.68 26.84 -12.28
C ASP A 251 -18.40 25.69 -11.35
N LEU A 252 -17.14 25.29 -11.23
CA LEU A 252 -16.79 24.19 -10.35
C LEU A 252 -17.25 24.50 -8.93
N ALA A 253 -16.77 25.62 -8.39
CA ALA A 253 -17.13 26.00 -7.02
C ALA A 253 -18.65 25.96 -6.83
N LYS A 254 -19.41 26.54 -7.77
CA LYS A 254 -20.87 26.49 -7.64
C LYS A 254 -21.38 25.04 -7.62
N ALA A 255 -20.95 24.21 -8.58
CA ALA A 255 -21.41 22.83 -8.67
C ALA A 255 -21.10 22.02 -7.41
N ALA A 256 -19.98 22.28 -6.74
CA ALA A 256 -19.68 21.56 -5.51
C ALA A 256 -20.69 21.86 -4.39
N GLU A 257 -21.49 22.93 -4.53
CA GLU A 257 -22.55 23.28 -3.57
C GLU A 257 -23.93 22.82 -4.03
N GLY A 258 -24.03 22.24 -5.21
CA GLY A 258 -25.29 21.78 -5.74
C GLY A 258 -25.92 22.73 -6.73
N GLU A 259 -25.31 23.87 -6.98
CA GLU A 259 -25.88 24.86 -7.89
C GLU A 259 -25.29 24.61 -9.27
N VAL A 260 -26.17 24.42 -10.25
CA VAL A 260 -25.75 24.12 -11.66
C VAL A 260 -26.36 25.07 -12.69
N ASP A 261 -27.33 25.91 -12.30
CA ASP A 261 -27.97 26.86 -13.27
C ASP A 261 -28.46 26.07 -14.50
N ALA A 262 -29.40 25.13 -14.30
CA ALA A 262 -29.87 24.22 -15.38
C ALA A 262 -30.45 24.98 -16.59
N ASP A 263 -31.28 26.00 -16.41
CA ASP A 263 -31.77 26.70 -17.61
C ASP A 263 -30.65 26.86 -18.65
N SER A 264 -29.44 27.24 -18.21
CA SER A 264 -28.33 27.36 -19.15
C SER A 264 -28.00 26.02 -19.77
N VAL A 265 -27.99 24.96 -18.96
CA VAL A 265 -27.68 23.60 -19.43
C VAL A 265 -28.76 23.11 -20.41
N ARG A 266 -30.03 23.40 -20.12
CA ARG A 266 -31.11 23.01 -21.01
C ARG A 266 -30.93 23.71 -22.34
N ALA A 267 -30.55 24.99 -22.30
CA ALA A 267 -30.32 25.73 -23.54
C ALA A 267 -29.18 25.09 -24.35
N GLY A 268 -28.07 24.75 -23.69
CA GLY A 268 -26.96 24.15 -24.39
C GLY A 268 -27.34 22.80 -25.01
N LEU A 269 -28.08 22.00 -24.25
CA LEU A 269 -28.51 20.71 -24.78
C LEU A 269 -29.44 20.92 -25.97
N LEU A 270 -30.44 21.81 -25.83
CA LEU A 270 -31.32 22.10 -26.96
C LEU A 270 -30.48 22.39 -28.19
N THR A 271 -29.43 23.19 -28.01
CA THR A 271 -28.58 23.55 -29.15
C THR A 271 -27.99 22.30 -29.77
N ALA A 272 -27.67 21.30 -28.93
CA ALA A 272 -26.91 20.15 -29.40
C ALA A 272 -27.75 19.09 -30.10
N GLY A 273 -29.02 19.42 -30.34
CA GLY A 273 -29.97 18.51 -31.00
C GLY A 273 -30.50 17.44 -30.06
N VAL A 274 -30.25 17.59 -28.75
CA VAL A 274 -30.71 16.57 -27.76
C VAL A 274 -31.61 17.21 -26.70
N LYS A 275 -32.75 16.58 -26.43
CA LYS A 275 -33.73 17.01 -25.39
C LYS A 275 -33.86 15.82 -24.42
N LEU A 276 -33.81 16.05 -23.10
CA LEU A 276 -33.83 14.91 -22.23
C LEU A 276 -35.10 14.89 -21.41
N PRO A 277 -35.66 13.71 -21.17
CA PRO A 277 -36.75 13.59 -20.20
C PRO A 277 -36.33 14.18 -18.86
N ASP A 278 -37.28 14.49 -17.96
CA ASP A 278 -36.89 15.19 -16.74
C ASP A 278 -36.07 14.32 -15.81
N ALA A 279 -36.38 13.02 -15.76
CA ALA A 279 -35.61 12.12 -14.89
C ALA A 279 -34.15 12.07 -15.39
N ASP A 280 -33.98 11.99 -16.71
CA ASP A 280 -32.64 11.94 -17.34
C ASP A 280 -31.92 13.26 -17.07
N PHE A 281 -32.64 14.39 -17.19
CA PHE A 281 -32.03 15.73 -16.95
C PHE A 281 -31.57 15.82 -15.50
N ALA A 282 -32.40 15.33 -14.58
CA ALA A 282 -32.06 15.37 -13.13
C ALA A 282 -30.81 14.50 -12.90
N GLY A 283 -30.75 13.34 -13.57
CA GLY A 283 -29.57 12.46 -13.43
C GLY A 283 -28.32 13.16 -13.94
N LEU A 284 -28.43 13.86 -15.07
CA LEU A 284 -27.27 14.57 -15.65
C LEU A 284 -26.82 15.66 -14.68
N LEU A 285 -27.78 16.36 -14.06
CA LEU A 285 -27.45 17.45 -13.10
C LEU A 285 -26.71 16.83 -11.90
N THR A 286 -27.17 15.68 -11.42
CA THR A 286 -26.53 15.00 -10.27
C THR A 286 -25.12 14.54 -10.65
N GLU A 287 -24.94 14.10 -11.89
CA GLU A 287 -23.64 13.57 -12.40
C GLU A 287 -22.54 14.63 -12.36
N THR A 288 -22.85 15.89 -12.72
CA THR A 288 -21.81 16.90 -12.72
C THR A 288 -21.61 17.50 -11.33
N ILE A 289 -22.64 17.51 -10.49
CA ILE A 289 -22.43 17.98 -9.12
C ILE A 289 -21.43 17.07 -8.41
N GLN A 290 -21.63 15.77 -8.53
CA GLN A 290 -20.73 14.80 -7.91
C GLN A 290 -19.32 14.92 -8.47
N HIS A 291 -19.21 15.07 -9.79
CA HIS A 291 -17.90 15.32 -10.35
C HIS A 291 -17.25 16.55 -9.70
N ALA A 292 -18.01 17.64 -9.56
CA ALA A 292 -17.44 18.87 -9.01
C ALA A 292 -17.06 18.69 -7.54
N THR A 293 -17.84 17.90 -6.79
CA THR A 293 -17.47 17.64 -5.40
C THR A 293 -16.16 16.88 -5.34
N ARG A 294 -15.93 15.98 -6.30
CA ARG A 294 -14.67 15.24 -6.30
C ARG A 294 -13.48 16.16 -6.64
N ILE A 295 -13.64 17.02 -7.67
CA ILE A 295 -12.54 17.91 -8.01
C ILE A 295 -12.25 18.85 -6.85
N THR A 296 -13.31 19.33 -6.19
CA THR A 296 -13.10 20.27 -5.10
C THR A 296 -12.40 19.59 -3.93
N ALA A 297 -12.80 18.36 -3.59
CA ALA A 297 -12.11 17.65 -2.54
C ALA A 297 -10.64 17.47 -2.89
N ARG A 298 -10.36 17.09 -4.14
CA ARG A 298 -8.97 16.93 -4.57
C ARG A 298 -8.19 18.22 -4.47
N ALA A 299 -8.76 19.35 -4.90
CA ALA A 299 -8.06 20.61 -4.78
C ALA A 299 -7.81 20.98 -3.33
N GLU A 300 -8.72 20.63 -2.43
CA GLU A 300 -8.50 20.90 -1.01
C GLU A 300 -7.33 20.10 -0.47
N ILE A 301 -7.25 18.83 -0.83
CA ILE A 301 -6.10 18.03 -0.44
C ILE A 301 -4.82 18.58 -1.05
N ALA A 302 -4.88 18.87 -2.35
CA ALA A 302 -3.73 19.44 -3.05
C ALA A 302 -3.20 20.67 -2.36
N GLN A 303 -4.08 21.51 -1.84
CA GLN A 303 -3.64 22.75 -1.23
C GLN A 303 -2.58 22.51 -0.17
N GLN A 304 -2.65 21.37 0.51
CA GLN A 304 -1.68 21.10 1.56
C GLN A 304 -0.25 21.02 1.07
N LEU A 305 -0.04 20.71 -0.21
CA LEU A 305 1.30 20.63 -0.77
C LEU A 305 1.88 22.00 -1.05
N ASP A 306 1.01 22.99 -1.32
CA ASP A 306 1.44 24.37 -1.56
C ASP A 306 2.34 24.89 -0.45
N ALA A 307 2.26 24.29 0.73
CA ALA A 307 3.10 24.69 1.84
C ALA A 307 4.57 24.47 1.53
N LEU A 308 4.88 23.44 0.76
CA LEU A 308 6.27 23.13 0.50
C LEU A 308 6.79 23.92 -0.69
N GLN A 309 8.03 24.36 -0.57
CA GLN A 309 8.76 25.00 -1.65
C GLN A 309 9.56 23.90 -2.36
N VAL A 310 8.80 23.01 -2.97
CA VAL A 310 9.32 21.80 -3.60
C VAL A 310 8.79 21.76 -5.02
N PRO A 311 9.60 21.44 -6.02
CA PRO A 311 9.06 21.31 -7.37
C PRO A 311 7.94 20.27 -7.42
N ARG A 312 6.96 20.52 -8.28
CA ARG A 312 5.83 19.61 -8.39
C ARG A 312 5.60 19.24 -9.85
N LEU A 313 5.56 17.94 -10.09
CA LEU A 313 5.28 17.38 -11.41
C LEU A 313 3.92 16.70 -11.39
N GLU A 314 3.30 16.62 -12.57
CA GLU A 314 1.96 16.07 -12.69
C GLU A 314 1.90 15.08 -13.84
N LEU A 315 1.33 13.92 -13.57
CA LEU A 315 1.14 12.91 -14.59
C LEU A 315 -0.34 12.60 -14.73
N PRO A 316 -0.79 12.28 -15.92
CA PRO A 316 -2.21 11.98 -16.12
C PRO A 316 -2.54 10.57 -15.68
N THR A 317 -3.84 10.26 -15.72
CA THR A 317 -4.30 8.89 -15.55
C THR A 317 -4.26 8.22 -16.92
N VAL A 318 -3.56 7.09 -17.01
CA VAL A 318 -3.64 6.21 -18.17
C VAL A 318 -4.93 5.41 -18.03
N SER A 319 -5.80 5.47 -19.02
CA SER A 319 -7.21 5.15 -18.78
C SER A 319 -7.42 3.66 -18.53
N ASP A 320 -6.63 2.85 -19.25
CA ASP A 320 -6.56 1.36 -19.14
C ASP A 320 -5.36 0.99 -18.27
N GLY A 321 -5.10 -0.32 -18.09
CA GLY A 321 -3.97 -0.79 -17.27
C GLY A 321 -2.64 -0.32 -17.86
N VAL A 322 -1.68 0.04 -16.99
CA VAL A 322 -0.39 0.53 -17.42
C VAL A 322 0.28 -0.60 -18.19
N ASP A 323 0.50 -0.41 -19.48
CA ASP A 323 1.29 -1.35 -20.26
C ASP A 323 2.54 -0.60 -20.73
N LEU A 324 3.37 -1.27 -21.55
CA LEU A 324 4.62 -0.66 -22.02
C LEU A 324 4.39 0.69 -22.72
N GLY A 325 3.41 0.76 -23.62
CA GLY A 325 3.12 2.05 -24.23
C GLY A 325 2.77 3.11 -23.22
N SER A 326 2.09 2.72 -22.13
CA SER A 326 1.78 3.67 -21.05
C SER A 326 3.05 4.18 -20.41
N LEU A 327 4.05 3.33 -20.22
CA LEU A 327 5.30 3.80 -19.65
C LEU A 327 5.88 4.88 -20.55
N TYR A 328 5.79 4.67 -21.87
CA TYR A 328 6.35 5.70 -22.76
C TYR A 328 5.50 6.97 -22.75
N GLU A 329 4.18 6.85 -22.63
CA GLU A 329 3.33 8.03 -22.50
C GLU A 329 3.74 8.85 -21.27
N LEU A 330 3.92 8.16 -20.13
CA LEU A 330 4.26 8.85 -18.90
C LEU A 330 5.64 9.47 -18.98
N SER A 331 6.59 8.77 -19.58
CA SER A 331 7.90 9.38 -19.78
C SER A 331 7.81 10.66 -20.62
N GLU A 332 7.00 10.63 -21.69
CA GLU A 332 6.81 11.82 -22.51
C GLU A 332 6.24 12.98 -21.68
N SER A 333 5.24 12.71 -20.83
CA SER A 333 4.72 13.77 -19.98
C SER A 333 5.79 14.37 -19.06
N LEU A 334 6.63 13.53 -18.45
CA LEU A 334 7.74 14.05 -17.65
C LEU A 334 8.65 14.92 -18.50
N ALA A 335 9.00 14.43 -19.69
CA ALA A 335 9.90 15.16 -20.57
C ALA A 335 9.31 16.53 -20.86
N GLN A 336 8.03 16.57 -21.19
CA GLN A 336 7.37 17.83 -21.49
C GLN A 336 7.35 18.74 -20.28
N GLN A 337 7.55 18.19 -19.10
CA GLN A 337 7.55 19.06 -17.94
C GLN A 337 8.93 19.53 -17.55
N GLY A 338 9.96 19.16 -18.32
CA GLY A 338 11.33 19.57 -18.07
C GLY A 338 12.24 18.55 -17.45
N VAL A 339 11.75 17.34 -17.19
CA VAL A 339 12.62 16.32 -16.60
C VAL A 339 13.70 15.93 -17.59
N ARG A 340 14.96 16.01 -17.18
CA ARG A 340 16.00 15.67 -18.15
C ARG A 340 17.37 15.29 -17.54
N PRO B 5 -25.84 -12.43 -12.70
CA PRO B 5 -25.20 -12.15 -11.41
C PRO B 5 -25.91 -12.88 -10.26
N LYS B 6 -25.68 -12.37 -9.05
CA LYS B 6 -26.27 -12.84 -7.77
C LYS B 6 -26.28 -11.64 -6.82
N THR B 7 -27.20 -11.60 -5.86
CA THR B 7 -27.20 -10.40 -4.96
C THR B 7 -26.77 -10.80 -3.55
N LEU B 8 -25.64 -10.26 -3.11
CA LEU B 8 -25.21 -10.51 -1.71
C LEU B 8 -26.25 -9.81 -0.85
N ASP B 9 -26.61 -10.40 0.29
CA ASP B 9 -27.64 -9.77 1.16
C ASP B 9 -27.02 -9.61 2.55
N MET B 10 -26.09 -8.66 2.67
CA MET B 10 -25.41 -8.45 3.95
C MET B 10 -26.39 -8.25 5.09
N GLY B 11 -27.53 -7.63 4.82
CA GLY B 11 -28.52 -7.40 5.86
C GLY B 11 -28.95 -8.67 6.56
N ALA B 12 -29.30 -9.70 5.78
CA ALA B 12 -29.75 -10.95 6.38
C ALA B 12 -28.63 -11.69 7.10
N ILE B 13 -27.41 -11.61 6.58
CA ILE B 13 -26.25 -12.15 7.27
C ILE B 13 -26.00 -11.46 8.61
N LEU B 14 -26.05 -10.12 8.62
CA LEU B 14 -25.78 -9.37 9.85
C LEU B 14 -26.84 -9.61 10.90
N ALA B 15 -28.09 -9.70 10.46
CA ALA B 15 -29.22 -9.82 11.37
C ALA B 15 -29.31 -11.19 12.00
N ASP B 16 -28.74 -12.22 11.36
CA ASP B 16 -28.84 -13.61 11.85
C ASP B 16 -27.73 -13.87 12.88
N THR B 17 -28.12 -14.12 14.14
CA THR B 17 -27.13 -14.19 15.22
C THR B 17 -26.37 -15.50 15.28
N SER B 18 -26.61 -16.43 14.37
CA SER B 18 -25.72 -17.57 14.27
C SER B 18 -24.42 -17.21 13.59
N ASN B 19 -24.33 -16.03 12.96
CA ASN B 19 -23.09 -15.56 12.38
C ASN B 19 -22.40 -14.75 13.47
N ARG B 20 -21.30 -15.29 13.97
CA ARG B 20 -20.61 -14.69 15.09
C ARG B 20 -19.35 -13.95 14.69
N VAL B 21 -18.78 -14.23 13.53
CA VAL B 21 -17.57 -13.56 13.10
C VAL B 21 -17.72 -13.25 11.62
N VAL B 22 -17.39 -12.02 11.25
CA VAL B 22 -17.46 -11.49 9.87
C VAL B 22 -16.13 -10.87 9.57
N VAL B 23 -15.45 -11.40 8.58
CA VAL B 23 -14.08 -10.99 8.31
C VAL B 23 -14.05 -10.21 7.01
N CYS B 24 -13.58 -9.01 7.05
CA CYS B 24 -13.54 -8.27 5.84
C CYS B 24 -12.13 -8.44 5.27
N CYS B 25 -12.05 -9.04 4.10
CA CYS B 25 -10.80 -9.29 3.41
C CYS B 25 -10.78 -8.62 2.05
N GLY B 26 -9.58 -8.34 1.54
CA GLY B 26 -9.40 -7.71 0.26
C GLY B 26 -8.05 -7.07 0.21
N ALA B 27 -7.77 -6.37 -0.88
CA ALA B 27 -6.54 -5.60 -0.83
C ALA B 27 -6.73 -4.45 0.13
N GLY B 28 -5.60 -3.83 0.51
CA GLY B 28 -5.70 -2.61 1.29
C GLY B 28 -6.22 -1.52 0.39
N GLY B 29 -6.88 -0.54 0.98
CA GLY B 29 -7.28 0.56 0.15
C GLY B 29 -8.49 0.31 -0.73
N VAL B 30 -9.31 -0.70 -0.41
CA VAL B 30 -10.47 -0.97 -1.25
C VAL B 30 -11.75 -0.56 -0.55
N GLY B 31 -11.66 -0.18 0.73
CA GLY B 31 -12.78 0.12 1.60
C GLY B 31 -13.00 -0.91 2.69
N LYS B 32 -11.97 -1.69 3.07
CA LYS B 32 -12.20 -2.70 4.10
C LYS B 32 -12.56 -2.06 5.42
N THR B 33 -11.80 -1.06 5.86
CA THR B 33 -12.06 -0.56 7.20
C THR B 33 -13.41 0.14 7.28
N THR B 34 -13.72 1.02 6.33
CA THR B 34 -15.04 1.67 6.38
C THR B 34 -16.16 0.66 6.20
N THR B 35 -15.99 -0.31 5.30
CA THR B 35 -16.96 -1.39 5.17
C THR B 35 -17.14 -2.14 6.49
N ALA B 36 -16.05 -2.51 7.13
CA ALA B 36 -16.17 -3.18 8.42
C ALA B 36 -16.97 -2.30 9.37
N ALA B 37 -16.69 -0.99 9.36
CA ALA B 37 -17.38 -0.11 10.30
C ALA B 37 -18.85 0.00 9.94
N ALA B 38 -19.16 0.10 8.67
CA ALA B 38 -20.56 0.19 8.30
C ALA B 38 -21.28 -1.08 8.70
N LEU B 39 -20.64 -2.23 8.48
CA LEU B 39 -21.29 -3.47 8.85
C LEU B 39 -21.48 -3.57 10.36
N ALA B 40 -20.46 -3.21 11.15
CA ALA B 40 -20.62 -3.36 12.60
C ALA B 40 -21.70 -2.41 13.12
N LEU B 41 -21.74 -1.18 12.61
CA LEU B 41 -22.77 -0.23 13.01
C LEU B 41 -24.15 -0.75 12.64
N ARG B 42 -24.30 -1.23 11.42
CA ARG B 42 -25.62 -1.67 11.07
C ARG B 42 -26.02 -2.87 11.91
N ALA B 43 -25.07 -3.72 12.28
CA ALA B 43 -25.44 -4.85 13.10
C ALA B 43 -25.93 -4.40 14.45
N ALA B 44 -25.32 -3.35 15.02
CA ALA B 44 -25.82 -2.79 16.26
C ALA B 44 -27.21 -2.21 16.09
N GLU B 45 -27.46 -1.54 14.97
CA GLU B 45 -28.80 -1.03 14.72
C GLU B 45 -29.85 -2.11 14.56
N TYR B 46 -29.43 -3.33 14.22
CA TYR B 46 -30.31 -4.51 14.20
C TYR B 46 -30.49 -5.13 15.57
N GLY B 47 -29.83 -4.62 16.58
CA GLY B 47 -29.97 -5.13 17.92
C GLY B 47 -28.82 -5.97 18.41
N ARG B 48 -27.80 -6.21 17.61
CA ARG B 48 -26.72 -7.07 18.06
C ARG B 48 -25.71 -6.31 18.92
N THR B 49 -24.99 -7.06 19.76
CA THR B 49 -23.88 -6.58 20.58
C THR B 49 -22.60 -6.92 19.82
N VAL B 50 -22.01 -5.88 19.22
CA VAL B 50 -20.99 -5.98 18.20
C VAL B 50 -19.70 -5.37 18.69
N VAL B 51 -18.58 -5.96 18.27
CA VAL B 51 -17.30 -5.27 18.38
C VAL B 51 -16.63 -5.33 17.02
N VAL B 52 -16.12 -4.19 16.57
CA VAL B 52 -15.35 -4.13 15.35
C VAL B 52 -13.90 -3.95 15.74
N LEU B 53 -13.07 -4.87 15.26
CA LEU B 53 -11.63 -4.81 15.45
C LEU B 53 -11.08 -4.16 14.19
N THR B 54 -10.86 -2.85 14.25
CA THR B 54 -10.29 -2.12 13.12
C THR B 54 -8.77 -2.19 13.22
N ILE B 55 -8.11 -2.14 12.06
CA ILE B 55 -6.61 -2.21 12.03
C ILE B 55 -6.02 -0.83 11.75
N ASP B 56 -6.49 -0.15 10.69
CA ASP B 56 -5.95 1.19 10.34
C ASP B 56 -7.10 2.16 10.02
N PRO B 57 -7.91 2.58 11.02
CA PRO B 57 -9.00 3.53 10.77
C PRO B 57 -8.45 4.95 10.52
N ALA B 58 -9.12 5.73 9.66
CA ALA B 58 -8.68 7.12 9.38
C ALA B 58 -8.79 7.93 10.68
N LYS B 59 -7.84 8.82 10.95
CA LYS B 59 -7.89 9.55 12.21
C LYS B 59 -9.33 9.98 12.52
N ARG B 60 -10.01 10.56 11.53
CA ARG B 60 -11.35 11.11 11.75
C ARG B 60 -12.36 9.99 12.05
N LEU B 61 -12.28 8.86 11.31
CA LEU B 61 -13.16 7.73 11.60
C LEU B 61 -12.95 7.21 13.00
N ALA B 62 -11.68 7.11 13.39
CA ALA B 62 -11.42 6.61 14.72
C ALA B 62 -12.03 7.56 15.75
N GLN B 63 -12.01 8.86 15.47
CA GLN B 63 -12.63 9.76 16.44
C GLN B 63 -14.16 9.63 16.47
N ALA B 64 -14.81 9.50 15.29
CA ALA B 64 -16.27 9.34 15.29
C ALA B 64 -16.67 8.15 16.16
N LEU B 65 -15.79 7.16 16.23
CA LEU B 65 -15.93 5.94 17.04
C LEU B 65 -15.33 6.06 18.46
N GLY B 66 -14.64 7.16 18.81
CA GLY B 66 -14.04 7.25 20.14
C GLY B 66 -12.89 6.30 20.47
N ILE B 67 -12.07 5.88 19.48
CA ILE B 67 -11.02 4.85 19.65
C ILE B 67 -9.73 5.45 19.11
N ASN B 68 -9.66 6.78 19.09
CA ASN B 68 -8.43 7.38 18.67
C ASN B 68 -7.34 7.24 19.71
N ASP B 69 -7.62 6.49 20.79
CA ASP B 69 -6.65 6.27 21.87
C ASP B 69 -5.61 5.21 21.50
N LEU B 70 -4.82 4.84 22.51
CA LEU B 70 -3.77 3.83 22.49
C LEU B 70 -4.22 2.53 23.14
N GLY B 71 -5.45 2.46 23.61
CA GLY B 71 -5.93 1.23 24.18
C GLY B 71 -5.84 0.08 23.19
N ASN B 72 -5.78 -1.10 23.73
CA ASN B 72 -5.72 -2.24 22.87
C ASN B 72 -6.90 -3.08 23.16
N THR B 73 -8.00 -2.38 23.34
CA THR B 73 -9.15 -3.01 23.96
C THR B 73 -10.39 -2.21 23.59
N PRO B 74 -11.52 -2.89 23.47
CA PRO B 74 -12.74 -2.28 22.92
C PRO B 74 -13.33 -1.25 23.86
N GLN B 75 -14.00 -0.24 23.26
CA GLN B 75 -14.74 0.80 23.95
C GLN B 75 -16.10 1.01 23.31
N ARG B 76 -17.12 1.27 24.11
CA ARG B 76 -18.46 1.51 23.57
C ARG B 76 -18.48 2.80 22.74
N VAL B 77 -19.11 2.70 21.58
CA VAL B 77 -19.37 3.85 20.72
C VAL B 77 -20.74 4.41 21.07
N PRO B 78 -20.84 5.68 21.47
CA PRO B 78 -22.14 6.25 21.81
C PRO B 78 -22.94 6.45 20.53
N LEU B 79 -24.12 5.83 20.49
CA LEU B 79 -25.04 5.93 19.36
C LEU B 79 -26.35 6.52 19.85
N ALA B 80 -27.22 6.87 18.91
CA ALA B 80 -28.51 7.43 19.29
C ALA B 80 -29.23 6.51 20.27
N PRO B 81 -29.96 7.04 21.25
CA PRO B 81 -30.63 6.16 22.23
C PRO B 81 -31.59 5.14 21.60
N GLU B 82 -32.21 5.44 20.44
CA GLU B 82 -33.15 4.50 19.82
C GLU B 82 -32.51 3.17 19.49
N VAL B 83 -31.21 3.16 19.21
CA VAL B 83 -30.45 2.00 18.76
C VAL B 83 -30.64 0.81 19.71
N PRO B 84 -31.13 -0.34 19.23
CA PRO B 84 -31.42 -1.46 20.12
C PRO B 84 -30.16 -2.21 20.52
N GLY B 85 -29.13 -2.18 19.68
CA GLY B 85 -27.91 -2.88 19.94
C GLY B 85 -26.86 -2.01 20.59
N GLU B 86 -25.63 -2.51 20.55
CA GLU B 86 -24.48 -1.86 21.15
C GLU B 86 -23.35 -1.93 20.14
N LEU B 87 -22.71 -0.81 19.84
CA LEU B 87 -21.50 -0.84 19.02
C LEU B 87 -20.31 -0.55 19.92
N HIS B 88 -19.32 -1.44 19.92
CA HIS B 88 -18.03 -1.26 20.56
C HIS B 88 -16.91 -1.36 19.53
N ALA B 89 -15.80 -0.67 19.78
CA ALA B 89 -14.76 -0.62 18.75
C ALA B 89 -13.38 -0.59 19.39
N MET B 90 -12.39 -1.00 18.59
CA MET B 90 -11.01 -0.90 19.02
C MET B 90 -10.15 -0.86 17.78
N MET B 91 -8.91 -0.41 17.99
CA MET B 91 -7.88 -0.43 16.97
C MET B 91 -6.72 -1.32 17.42
N LEU B 92 -6.40 -2.31 16.60
CA LEU B 92 -5.34 -3.23 16.93
C LEU B 92 -4.08 -2.43 17.21
N ASP B 93 -3.41 -2.77 18.31
CA ASP B 93 -2.08 -2.28 18.64
C ASP B 93 -1.16 -3.47 18.49
N MET B 94 -0.38 -3.50 17.42
CA MET B 94 0.39 -4.69 17.09
C MET B 94 1.39 -4.98 18.20
N ARG B 95 2.14 -3.96 18.60
CA ARG B 95 3.17 -4.15 19.60
C ARG B 95 2.58 -4.59 20.94
N ARG B 96 1.49 -3.95 21.37
CA ARG B 96 0.90 -4.32 22.65
C ARG B 96 0.28 -5.72 22.60
N THR B 97 -0.23 -6.16 21.44
CA THR B 97 -0.77 -7.50 21.38
C THR B 97 0.35 -8.50 21.44
N PHE B 98 1.51 -8.10 20.91
CA PHE B 98 2.68 -8.96 21.05
C PHE B 98 3.08 -9.08 22.51
N ASP B 99 3.09 -7.96 23.24
CA ASP B 99 3.36 -7.98 24.67
C ASP B 99 2.40 -8.94 25.40
N GLU B 100 1.10 -8.79 25.16
CA GLU B 100 0.12 -9.64 25.83
C GLU B 100 0.33 -11.11 25.50
N MET B 101 0.68 -11.42 24.26
CA MET B 101 0.93 -12.81 23.93
C MET B 101 2.14 -13.33 24.70
N VAL B 102 3.21 -12.54 24.71
CA VAL B 102 4.42 -12.98 25.41
C VAL B 102 4.09 -13.24 26.87
N MET B 103 3.39 -12.33 27.52
CA MET B 103 3.11 -12.57 28.92
C MET B 103 2.20 -13.76 29.10
N GLN B 104 1.20 -13.89 28.23
CA GLN B 104 0.27 -15.00 28.36
C GLN B 104 0.98 -16.33 28.36
N TYR B 105 2.07 -16.45 27.61
CA TYR B 105 2.71 -17.76 27.54
C TYR B 105 3.95 -17.88 28.41
N SER B 106 4.71 -16.79 28.65
CA SER B 106 5.86 -16.77 29.56
C SER B 106 5.56 -16.38 31.00
N GLY B 107 4.43 -15.75 31.27
CA GLY B 107 4.16 -15.28 32.61
C GLY B 107 4.72 -13.89 32.86
N PRO B 108 4.10 -13.18 33.81
CA PRO B 108 4.44 -11.76 34.00
C PRO B 108 5.89 -11.51 34.39
N GLU B 109 6.52 -12.41 35.17
CA GLU B 109 7.90 -12.20 35.60
C GLU B 109 8.85 -12.30 34.44
N ARG B 110 8.85 -13.44 33.77
CA ARG B 110 9.69 -13.58 32.61
C ARG B 110 9.35 -12.48 31.60
N ALA B 111 8.09 -12.04 31.60
CA ALA B 111 7.68 -11.03 30.64
C ALA B 111 8.39 -9.70 30.85
N GLN B 112 8.76 -9.36 32.08
CA GLN B 112 9.46 -8.09 32.27
C GLN B 112 10.81 -8.10 31.58
N SER B 113 11.48 -9.26 31.57
CA SER B 113 12.74 -9.38 30.83
C SER B 113 12.48 -9.30 29.34
N ILE B 114 11.56 -10.13 28.83
CA ILE B 114 11.36 -10.15 27.40
C ILE B 114 11.00 -8.75 26.91
N LEU B 115 10.03 -8.10 27.55
CA LEU B 115 9.60 -6.77 27.18
C LEU B 115 10.73 -5.74 27.29
N ASP B 116 11.75 -5.98 28.11
CA ASP B 116 12.83 -5.01 28.23
C ASP B 116 13.94 -5.17 27.18
N ASN B 117 13.98 -6.30 26.48
CA ASN B 117 15.04 -6.65 25.53
C ASN B 117 14.99 -5.77 24.28
N GLN B 118 16.09 -5.09 23.95
CA GLN B 118 16.06 -4.16 22.83
C GLN B 118 15.93 -4.90 21.49
N PHE B 119 16.33 -6.17 21.42
CA PHE B 119 16.10 -6.92 20.18
C PHE B 119 14.62 -7.25 20.02
N TYR B 120 13.92 -7.54 21.12
CA TYR B 120 12.48 -7.72 21.02
C TYR B 120 11.85 -6.43 20.56
N GLN B 121 12.28 -5.30 21.12
CA GLN B 121 11.62 -4.04 20.88
C GLN B 121 11.91 -3.48 19.50
N THR B 122 13.06 -3.77 18.91
CA THR B 122 13.40 -3.13 17.65
C THR B 122 13.33 -4.06 16.45
N VAL B 123 13.42 -5.36 16.65
CA VAL B 123 13.40 -6.27 15.52
C VAL B 123 12.20 -7.20 15.64
N ALA B 124 12.11 -7.94 16.75
CA ALA B 124 11.15 -9.03 16.83
C ALA B 124 9.72 -8.54 16.63
N THR B 125 9.39 -7.36 17.12
CA THR B 125 7.99 -6.97 17.06
C THR B 125 7.61 -6.27 15.75
N SER B 126 8.55 -6.13 14.82
CA SER B 126 8.24 -5.57 13.50
C SER B 126 8.60 -6.52 12.37
N LEU B 127 8.73 -7.80 12.65
CA LEU B 127 8.98 -8.74 11.56
C LEU B 127 7.75 -8.81 10.67
N ALA B 128 7.98 -9.18 9.41
CA ALA B 128 6.90 -9.32 8.43
C ALA B 128 5.83 -10.25 8.93
N GLY B 129 4.59 -9.86 8.76
CA GLY B 129 3.52 -10.70 9.24
C GLY B 129 3.16 -10.53 10.69
N THR B 130 3.85 -9.65 11.42
CA THR B 130 3.43 -9.40 12.81
C THR B 130 2.01 -8.86 12.82
N GLN B 131 1.67 -8.01 11.87
CA GLN B 131 0.37 -7.37 11.90
C GLN B 131 -0.75 -8.40 11.70
N GLU B 132 -0.63 -9.27 10.70
CA GLU B 132 -1.60 -10.35 10.55
C GLU B 132 -1.61 -11.29 11.76
N TYR B 133 -0.43 -11.64 12.26
CA TYR B 133 -0.39 -12.59 13.38
C TYR B 133 -1.06 -12.03 14.63
N MET B 134 -0.82 -10.76 14.91
CA MET B 134 -1.43 -10.14 16.08
C MET B 134 -2.91 -9.85 15.85
N ALA B 135 -3.33 -9.54 14.63
CA ALA B 135 -4.76 -9.44 14.36
C ALA B 135 -5.44 -10.76 14.73
N MET B 136 -4.88 -11.87 14.24
CA MET B 136 -5.42 -13.18 14.58
C MET B 136 -5.37 -13.43 16.09
N GLU B 137 -4.26 -13.12 16.77
CA GLU B 137 -4.24 -13.23 18.23
C GLU B 137 -5.35 -12.43 18.88
N LYS B 138 -5.44 -11.15 18.56
CA LYS B 138 -6.47 -10.34 19.18
C LYS B 138 -7.84 -10.95 18.93
N LEU B 139 -8.11 -11.40 17.70
CA LEU B 139 -9.36 -12.11 17.42
C LEU B 139 -9.55 -13.28 18.39
N GLY B 140 -8.49 -14.06 18.60
CA GLY B 140 -8.57 -15.15 19.56
C GLY B 140 -9.00 -14.68 20.93
N GLN B 141 -8.36 -13.61 21.44
CA GLN B 141 -8.74 -13.07 22.73
C GLN B 141 -10.22 -12.68 22.76
N LEU B 142 -10.68 -12.02 21.69
CA LEU B 142 -12.06 -11.56 21.65
C LEU B 142 -13.00 -12.76 21.73
N LEU B 143 -12.69 -13.82 20.98
CA LEU B 143 -13.56 -14.99 21.02
C LEU B 143 -13.58 -15.58 22.41
N SER B 144 -12.41 -15.75 23.02
CA SER B 144 -12.39 -16.43 24.32
C SER B 144 -13.11 -15.65 25.41
N GLN B 145 -13.12 -14.32 25.34
CA GLN B 145 -13.81 -13.69 26.47
C GLN B 145 -15.32 -13.65 26.33
N ASP B 146 -15.85 -14.09 25.19
CA ASP B 146 -17.32 -14.20 25.00
C ASP B 146 -18.01 -12.89 25.42
N ARG B 147 -17.47 -11.74 25.00
CA ARG B 147 -18.05 -10.43 25.39
C ARG B 147 -18.93 -9.88 24.28
N TRP B 148 -19.24 -10.68 23.25
CA TRP B 148 -20.01 -10.15 22.15
C TRP B 148 -20.60 -11.24 21.27
N ASP B 149 -21.79 -10.94 20.76
CA ASP B 149 -22.43 -11.91 19.88
C ASP B 149 -21.95 -11.71 18.45
N LEU B 150 -21.32 -10.55 18.14
CA LEU B 150 -20.76 -10.36 16.81
C LEU B 150 -19.40 -9.70 16.87
N ILE B 151 -18.45 -10.31 16.17
CA ILE B 151 -17.13 -9.72 15.96
C ILE B 151 -16.97 -9.50 14.47
N VAL B 152 -16.74 -8.25 14.09
CA VAL B 152 -16.43 -7.86 12.73
C VAL B 152 -14.96 -7.54 12.68
N VAL B 153 -14.23 -8.18 11.77
CA VAL B 153 -12.77 -8.11 11.77
C VAL B 153 -12.35 -7.35 10.52
N ASP B 154 -11.77 -6.19 10.71
CA ASP B 154 -10.99 -5.56 9.65
C ASP B 154 -9.68 -6.31 9.48
N THR B 155 -9.10 -6.25 8.29
CA THR B 155 -7.87 -6.98 8.21
C THR B 155 -6.83 -6.01 7.67
N PRO B 156 -5.58 -6.19 8.10
CA PRO B 156 -4.56 -5.19 7.81
C PRO B 156 -4.38 -5.07 6.32
N PRO B 157 -3.96 -3.89 5.83
CA PRO B 157 -3.66 -3.73 4.42
C PRO B 157 -2.42 -4.48 3.95
N SER B 158 -2.47 -4.86 2.68
CA SER B 158 -1.34 -5.47 2.01
C SER B 158 -1.63 -5.41 0.50
N ARG B 159 -0.59 -5.37 -0.31
CA ARG B 159 -0.90 -5.55 -1.72
C ARG B 159 -1.48 -6.93 -1.94
N ASN B 160 -1.25 -7.86 -1.00
CA ASN B 160 -1.62 -9.25 -1.18
C ASN B 160 -2.67 -9.67 -0.14
N ALA B 161 -3.90 -9.86 -0.62
CA ALA B 161 -5.01 -10.18 0.27
C ALA B 161 -4.81 -11.52 0.95
N LEU B 162 -4.02 -12.40 0.38
CA LEU B 162 -3.88 -13.69 1.02
C LEU B 162 -2.92 -13.64 2.20
N ASP B 163 -2.17 -12.55 2.34
CA ASP B 163 -1.33 -12.35 3.52
C ASP B 163 -2.08 -12.59 4.82
N PHE B 164 -3.35 -12.17 4.89
CA PHE B 164 -4.08 -12.36 6.14
C PHE B 164 -4.13 -13.84 6.52
N LEU B 165 -4.29 -14.72 5.52
CA LEU B 165 -4.41 -16.13 5.76
C LEU B 165 -3.07 -16.84 5.78
N ASP B 166 -2.05 -16.25 5.15
CA ASP B 166 -0.78 -16.96 4.99
C ASP B 166 0.36 -16.40 5.82
N ALA B 167 0.39 -15.09 6.04
CA ALA B 167 1.55 -14.50 6.70
C ALA B 167 1.67 -15.01 8.13
N PRO B 168 0.57 -15.23 8.85
CA PRO B 168 0.75 -15.67 10.23
C PRO B 168 1.38 -17.03 10.33
N LYS B 169 0.95 -18.00 9.53
CA LYS B 169 1.61 -19.29 9.66
C LYS B 169 3.06 -19.17 9.24
N ARG B 170 3.30 -18.43 8.15
CA ARG B 170 4.66 -18.13 7.70
C ARG B 170 5.50 -17.53 8.82
N LEU B 171 4.99 -16.50 9.51
CA LEU B 171 5.80 -15.92 10.57
C LEU B 171 6.06 -16.91 11.68
N GLY B 172 5.03 -17.69 12.04
CA GLY B 172 5.23 -18.71 13.05
C GLY B 172 6.33 -19.65 12.66
N SER B 173 6.32 -20.13 11.42
CA SER B 173 7.39 -21.04 11.02
C SER B 173 8.74 -20.38 11.13
N PHE B 174 8.85 -19.09 10.76
CA PHE B 174 10.12 -18.40 10.97
C PHE B 174 10.53 -18.38 12.44
N MET B 175 9.58 -18.07 13.35
CA MET B 175 9.92 -17.97 14.77
C MET B 175 10.42 -19.28 15.32
N ASP B 176 9.90 -20.40 14.81
CA ASP B 176 10.28 -21.71 15.27
C ASP B 176 11.51 -22.24 14.55
N SER B 177 12.20 -21.43 13.75
CA SER B 177 13.37 -21.94 13.04
C SER B 177 14.37 -22.51 14.05
N ARG B 178 14.97 -23.66 13.68
CA ARG B 178 16.10 -24.21 14.43
C ARG B 178 17.24 -23.21 14.57
N LEU B 179 17.38 -22.32 13.58
CA LEU B 179 18.51 -21.41 13.52
C LEU B 179 18.53 -20.44 14.69
N TRP B 180 17.38 -20.19 15.34
CA TRP B 180 17.38 -19.31 16.51
C TRP B 180 18.29 -19.84 17.60
N ARG B 181 18.00 -21.07 18.05
CA ARG B 181 18.78 -21.65 19.14
C ARG B 181 20.18 -22.01 18.66
N LEU B 182 20.28 -22.65 17.50
CA LEU B 182 21.61 -23.08 17.05
C LEU B 182 22.53 -21.87 16.81
N LEU B 183 22.04 -20.85 16.10
CA LEU B 183 22.91 -19.78 15.61
C LEU B 183 23.11 -18.65 16.62
N LEU B 184 22.25 -18.52 17.61
CA LEU B 184 22.43 -17.39 18.51
C LEU B 184 22.61 -17.82 19.95
N ALA B 185 21.83 -18.77 20.43
CA ALA B 185 21.90 -19.24 21.81
C ALA B 185 22.87 -20.42 21.88
N ILE B 194 30.77 -25.33 17.29
CA ILE B 194 30.19 -26.67 17.25
C ILE B 194 30.27 -27.29 15.85
N THR B 195 29.12 -27.62 15.26
CA THR B 195 29.09 -28.36 14.00
C THR B 195 29.89 -27.65 12.91
N GLY B 196 30.34 -28.43 11.92
CA GLY B 196 31.10 -27.84 10.82
C GLY B 196 30.31 -26.75 10.12
N VAL B 197 29.06 -27.05 9.72
CA VAL B 197 28.26 -26.10 8.93
C VAL B 197 27.68 -25.01 9.83
N MET B 198 26.93 -25.42 10.84
CA MET B 198 26.35 -24.47 11.78
C MET B 198 27.45 -23.66 12.42
N GLY B 199 28.62 -24.26 12.57
CA GLY B 199 29.76 -23.52 13.09
C GLY B 199 30.25 -22.48 12.11
N LEU B 200 30.28 -22.81 10.81
CA LEU B 200 30.54 -21.78 9.81
C LEU B 200 29.55 -20.62 9.92
N ALA B 201 28.24 -20.95 9.91
CA ALA B 201 27.21 -19.90 9.95
C ALA B 201 27.34 -19.07 11.21
N MET B 202 27.59 -19.73 12.33
CA MET B 202 27.74 -19.02 13.58
C MET B 202 28.93 -18.07 13.53
N LYS B 203 30.06 -18.54 12.97
CA LYS B 203 31.25 -17.69 12.83
C LYS B 203 30.93 -16.47 11.97
N ALA B 204 30.29 -16.71 10.84
CA ALA B 204 29.93 -15.62 9.95
C ALA B 204 29.10 -14.58 10.67
N LEU B 205 28.05 -15.01 11.36
CA LEU B 205 27.22 -14.05 12.07
C LEU B 205 28.00 -13.31 13.12
N SER B 206 28.93 -14.00 13.79
CA SER B 206 29.71 -13.35 14.84
C SER B 206 30.64 -12.32 14.26
N THR B 207 31.12 -12.56 13.04
CA THR B 207 32.07 -11.66 12.41
C THR B 207 31.41 -10.50 11.74
N VAL B 208 30.14 -10.65 11.36
CA VAL B 208 29.43 -9.61 10.65
C VAL B 208 28.58 -8.74 11.57
N LEU B 209 27.89 -9.33 12.54
CA LEU B 209 26.92 -8.62 13.38
C LEU B 209 27.55 -8.07 14.66
N GLY B 210 26.97 -6.99 15.17
CA GLY B 210 27.48 -6.34 16.36
C GLY B 210 27.31 -7.21 17.61
N SER B 211 28.31 -7.14 18.51
CA SER B 211 28.29 -7.93 19.73
C SER B 211 27.08 -7.59 20.60
N GLN B 212 26.80 -6.30 20.78
CA GLN B 212 25.61 -5.93 21.54
C GLN B 212 24.37 -6.60 20.99
N MET B 213 24.19 -6.51 19.66
CA MET B 213 23.00 -7.06 19.02
C MET B 213 22.88 -8.58 19.19
N LEU B 214 23.98 -9.32 19.03
CA LEU B 214 23.93 -10.78 19.18
C LEU B 214 23.67 -11.17 20.61
N ALA B 215 24.16 -10.37 21.55
CA ALA B 215 23.86 -10.63 22.95
C ALA B 215 22.36 -10.45 23.21
N ASP B 216 21.80 -9.30 22.80
CA ASP B 216 20.37 -9.10 22.95
C ASP B 216 19.57 -10.21 22.30
N ALA B 217 19.95 -10.62 21.10
CA ALA B 217 19.19 -11.67 20.42
C ALA B 217 19.25 -12.98 21.18
N ALA B 218 20.44 -13.37 21.66
CA ALA B 218 20.54 -14.63 22.37
C ALA B 218 19.82 -14.56 23.70
N ALA B 219 19.89 -13.39 24.36
CA ALA B 219 19.03 -13.13 25.51
C ALA B 219 17.56 -13.37 25.17
N PHE B 220 17.06 -12.72 24.11
CA PHE B 220 15.67 -12.91 23.70
C PHE B 220 15.30 -14.38 23.53
N VAL B 221 16.12 -15.14 22.80
CA VAL B 221 15.79 -16.55 22.63
C VAL B 221 15.75 -17.26 23.99
N GLN B 222 16.78 -17.04 24.82
CA GLN B 222 16.83 -17.65 26.15
C GLN B 222 15.58 -17.33 26.97
N SER B 223 15.26 -16.04 27.12
CA SER B 223 14.12 -15.62 27.95
C SER B 223 12.81 -16.21 27.44
N LEU B 224 12.49 -15.95 26.17
CA LEU B 224 11.22 -16.43 25.62
C LEU B 224 11.07 -17.92 25.87
N ASP B 225 12.11 -18.68 25.57
CA ASP B 225 12.10 -20.10 25.84
C ASP B 225 10.89 -20.81 25.21
N ALA B 226 10.59 -20.45 23.97
CA ALA B 226 9.40 -20.97 23.29
C ALA B 226 9.30 -22.48 23.46
N GLY B 229 8.17 -25.95 18.27
CA GLY B 229 7.30 -25.29 17.30
C GLY B 229 6.18 -24.41 17.86
N GLY B 230 6.49 -23.58 18.85
CA GLY B 230 5.44 -22.86 19.57
C GLY B 230 4.62 -21.91 18.71
N PHE B 231 5.29 -21.10 17.89
CA PHE B 231 4.61 -19.99 17.21
C PHE B 231 3.73 -20.50 16.08
N ARG B 232 4.21 -21.51 15.38
CA ARG B 232 3.41 -22.10 14.31
C ARG B 232 2.18 -22.77 14.88
N GLU B 233 2.35 -23.50 15.99
CA GLU B 233 1.22 -24.13 16.66
C GLU B 233 0.20 -23.10 17.11
N LYS B 234 0.64 -21.95 17.64
CA LYS B 234 -0.31 -20.89 17.97
C LYS B 234 -1.04 -20.44 16.72
N ALA B 235 -0.30 -20.12 15.65
CA ALA B 235 -0.94 -19.67 14.42
C ALA B 235 -1.95 -20.69 13.87
N ASP B 236 -1.65 -22.00 13.99
CA ASP B 236 -2.58 -23.03 13.50
C ASP B 236 -3.84 -23.07 14.33
N ARG B 237 -3.70 -23.07 15.67
CA ARG B 237 -4.89 -23.14 16.50
C ARG B 237 -5.76 -21.92 16.23
N THR B 238 -5.14 -20.74 16.23
CA THR B 238 -5.93 -19.53 16.02
C THR B 238 -6.59 -19.52 14.66
N TYR B 239 -5.88 -19.96 13.62
CA TYR B 239 -6.44 -20.02 12.26
C TYR B 239 -7.65 -20.95 12.14
N ALA B 240 -7.66 -22.05 12.90
CA ALA B 240 -8.82 -22.94 12.87
C ALA B 240 -10.08 -22.25 13.36
N LEU B 241 -9.94 -21.25 14.24
CA LEU B 241 -11.11 -20.48 14.66
C LEU B 241 -11.89 -19.99 13.45
N LEU B 242 -11.19 -19.62 12.38
CA LEU B 242 -11.86 -19.13 11.19
C LEU B 242 -12.69 -20.20 10.52
N LYS B 243 -12.61 -21.42 11.01
CA LYS B 243 -13.39 -22.52 10.47
C LYS B 243 -14.50 -22.96 11.42
N ARG B 244 -14.68 -22.28 12.56
CA ARG B 244 -15.81 -22.61 13.42
C ARG B 244 -17.08 -22.23 12.69
N ARG B 245 -18.18 -22.92 13.02
CA ARG B 245 -19.45 -22.55 12.43
C ARG B 245 -19.72 -21.12 12.88
N GLY B 246 -20.30 -20.33 11.99
CA GLY B 246 -20.60 -18.95 12.25
C GLY B 246 -19.60 -17.95 11.73
N THR B 247 -18.64 -18.36 10.92
CA THR B 247 -17.67 -17.43 10.38
C THR B 247 -18.07 -17.09 8.96
N GLN B 248 -18.05 -15.81 8.63
CA GLN B 248 -18.34 -15.35 7.30
C GLN B 248 -17.21 -14.47 6.81
N PHE B 249 -16.75 -14.68 5.58
CA PHE B 249 -15.80 -13.76 4.98
C PHE B 249 -16.51 -12.85 3.98
N VAL B 250 -16.15 -11.56 3.94
CA VAL B 250 -16.68 -10.66 2.92
C VAL B 250 -15.45 -10.11 2.24
N VAL B 251 -15.35 -10.32 0.95
CA VAL B 251 -14.20 -9.81 0.23
C VAL B 251 -14.59 -8.50 -0.38
N VAL B 252 -13.76 -7.49 -0.15
CA VAL B 252 -14.04 -6.15 -0.62
C VAL B 252 -13.04 -5.83 -1.71
N SER B 253 -13.56 -5.25 -2.79
CA SER B 253 -12.73 -4.82 -3.88
C SER B 253 -13.31 -3.56 -4.45
N ALA B 254 -12.41 -2.71 -4.94
CA ALA B 254 -12.78 -1.47 -5.67
C ALA B 254 -13.02 -1.83 -7.15
N ALA B 255 -13.26 -0.82 -7.99
CA ALA B 255 -13.50 -1.01 -9.45
C ALA B 255 -12.23 -1.45 -10.20
N GLU B 256 -11.05 -1.21 -9.62
CA GLU B 256 -9.72 -1.50 -10.24
C GLU B 256 -9.49 -2.99 -10.52
N PRO B 257 -8.67 -3.29 -11.56
CA PRO B 257 -8.29 -4.65 -11.98
C PRO B 257 -7.47 -5.39 -10.95
N ASP B 258 -6.58 -4.66 -10.28
CA ASP B 258 -5.72 -5.24 -9.26
C ASP B 258 -6.52 -5.71 -8.05
N ALA B 259 -7.36 -4.81 -7.50
CA ALA B 259 -8.17 -5.20 -6.34
C ALA B 259 -9.05 -6.39 -6.69
N LEU B 260 -9.70 -6.35 -7.84
CA LEU B 260 -10.48 -7.49 -8.30
C LEU B 260 -9.65 -8.75 -8.39
N ARG B 261 -8.41 -8.64 -8.89
CA ARG B 261 -7.63 -9.86 -9.00
C ARG B 261 -7.30 -10.43 -7.62
N GLU B 262 -6.98 -9.56 -6.65
CA GLU B 262 -6.76 -10.05 -5.29
C GLU B 262 -8.03 -10.70 -4.71
N ALA B 263 -9.19 -10.08 -4.93
CA ALA B 263 -10.43 -10.70 -4.53
C ALA B 263 -10.55 -12.10 -5.13
N SER B 264 -10.30 -12.25 -6.42
CA SER B 264 -10.39 -13.58 -7.01
C SER B 264 -9.43 -14.57 -6.37
N PHE B 265 -8.16 -14.22 -6.23
CA PHE B 265 -7.25 -15.09 -5.50
C PHE B 265 -7.83 -15.53 -4.16
N PHE B 266 -8.35 -14.56 -3.41
CA PHE B 266 -8.85 -14.87 -2.08
C PHE B 266 -10.07 -15.80 -2.15
N VAL B 267 -11.02 -15.52 -3.05
CA VAL B 267 -12.18 -16.39 -3.16
C VAL B 267 -11.73 -17.79 -3.52
N ASP B 268 -10.73 -17.90 -4.39
CA ASP B 268 -10.21 -19.21 -4.76
C ASP B 268 -9.71 -19.96 -3.52
N ARG B 269 -8.90 -19.28 -2.68
CA ARG B 269 -8.41 -19.94 -1.48
C ARG B 269 -9.55 -20.35 -0.55
N LEU B 270 -10.51 -19.45 -0.35
CA LEU B 270 -11.65 -19.77 0.49
C LEU B 270 -12.38 -21.00 -0.03
N SER B 271 -12.54 -21.10 -1.36
CA SER B 271 -13.16 -22.28 -1.94
C SER B 271 -12.37 -23.55 -1.62
N GLN B 272 -11.07 -23.54 -1.93
CA GLN B 272 -10.24 -24.72 -1.66
C GLN B 272 -10.30 -25.15 -0.21
N GLU B 273 -10.47 -24.21 0.71
CA GLU B 273 -10.45 -24.60 2.11
C GLU B 273 -11.85 -24.84 2.68
N SER B 274 -12.90 -24.75 1.85
CA SER B 274 -14.28 -24.96 2.29
C SER B 274 -14.60 -24.01 3.44
N MET B 275 -14.18 -22.76 3.32
CA MET B 275 -14.46 -21.71 4.28
C MET B 275 -15.56 -20.80 3.77
N PRO B 276 -16.47 -20.37 4.64
CA PRO B 276 -17.68 -19.72 4.14
C PRO B 276 -17.38 -18.33 3.64
N LEU B 277 -17.75 -18.07 2.39
CA LEU B 277 -17.58 -16.78 1.77
C LEU B 277 -18.96 -16.20 1.64
N ALA B 278 -19.23 -15.09 2.31
CA ALA B 278 -20.52 -14.45 2.14
C ALA B 278 -20.67 -13.90 0.73
N GLY B 279 -19.68 -13.14 0.28
CA GLY B 279 -19.72 -12.64 -1.07
C GLY B 279 -18.68 -11.55 -1.26
N LEU B 280 -18.85 -10.82 -2.34
CA LEU B 280 -17.98 -9.74 -2.75
C LEU B 280 -18.67 -8.40 -2.61
N VAL B 281 -18.02 -7.46 -1.96
CA VAL B 281 -18.43 -6.06 -1.98
C VAL B 281 -17.62 -5.39 -3.08
N PHE B 282 -18.30 -4.87 -4.09
CA PHE B 282 -17.69 -4.30 -5.28
C PHE B 282 -17.91 -2.81 -5.11
N ASN B 283 -16.89 -2.18 -4.56
CA ASN B 283 -16.96 -0.88 -3.92
C ASN B 283 -16.52 0.22 -4.91
N ARG B 284 -17.04 1.44 -4.73
CA ARG B 284 -16.61 2.62 -5.50
C ARG B 284 -17.07 2.57 -6.96
N THR B 285 -18.28 2.10 -7.21
CA THR B 285 -18.75 2.08 -8.58
C THR B 285 -19.27 3.46 -8.96
N HIS B 286 -19.64 3.59 -10.24
CA HIS B 286 -20.17 4.84 -10.79
C HIS B 286 -21.40 4.54 -11.64
N PRO B 287 -22.51 4.18 -11.00
CA PRO B 287 -23.73 3.94 -11.77
C PRO B 287 -24.16 5.18 -12.52
N MET B 288 -24.70 4.97 -13.74
CA MET B 288 -25.19 6.07 -14.56
C MET B 288 -26.55 6.59 -14.05
N LEU B 289 -26.61 7.90 -13.81
CA LEU B 289 -27.84 8.55 -13.41
C LEU B 289 -28.66 9.07 -14.59
N CYS B 290 -28.05 9.16 -15.77
CA CYS B 290 -28.66 9.67 -16.98
C CYS B 290 -28.45 8.63 -18.07
N ALA B 291 -29.44 8.49 -18.95
CA ALA B 291 -29.41 7.43 -19.94
C ALA B 291 -28.82 7.85 -21.29
N LEU B 292 -28.40 9.11 -21.45
CA LEU B 292 -27.79 9.54 -22.70
C LEU B 292 -26.65 8.62 -23.08
N PRO B 293 -26.64 8.05 -24.28
CA PRO B 293 -25.52 7.19 -24.70
C PRO B 293 -24.20 7.96 -24.78
N ILE B 294 -23.10 7.20 -24.70
CA ILE B 294 -21.77 7.82 -24.70
C ILE B 294 -21.54 8.55 -26.02
N GLU B 295 -21.62 7.82 -27.13
CA GLU B 295 -21.31 8.42 -28.43
C GLU B 295 -22.11 9.70 -28.65
N ARG B 296 -23.43 9.64 -28.47
CA ARG B 296 -24.23 10.86 -28.49
C ARG B 296 -23.62 11.93 -27.61
N ALA B 297 -23.23 11.57 -26.39
CA ALA B 297 -22.72 12.58 -25.47
C ALA B 297 -21.51 13.29 -26.06
N ILE B 298 -20.55 12.51 -26.56
CA ILE B 298 -19.36 13.07 -27.17
C ILE B 298 -19.72 13.99 -28.33
N ASP B 299 -20.38 13.42 -29.36
CA ASP B 299 -20.72 14.19 -30.55
C ASP B 299 -21.42 15.51 -30.20
N ALA B 300 -22.52 15.44 -29.43
CA ALA B 300 -23.22 16.65 -28.99
C ALA B 300 -22.25 17.68 -28.42
N ALA B 301 -21.35 17.24 -27.54
CA ALA B 301 -20.42 18.23 -26.99
C ALA B 301 -19.48 18.80 -28.05
N GLU B 302 -19.10 17.98 -29.03
CA GLU B 302 -18.18 18.44 -30.07
C GLU B 302 -18.85 19.48 -30.97
N THR B 303 -20.13 19.26 -31.27
CA THR B 303 -20.88 20.26 -32.01
C THR B 303 -20.88 21.56 -31.24
N LEU B 304 -21.20 21.50 -29.93
CA LEU B 304 -21.18 22.74 -29.17
C LEU B 304 -19.78 23.34 -29.16
N ASP B 305 -18.76 22.47 -29.24
CA ASP B 305 -17.34 22.92 -29.24
C ASP B 305 -17.08 23.78 -30.48
N ALA B 306 -17.61 23.36 -31.63
CA ALA B 306 -17.42 24.11 -32.90
C ALA B 306 -18.07 25.50 -32.78
N GLU B 307 -19.24 25.56 -32.16
CA GLU B 307 -19.97 26.85 -31.97
C GLU B 307 -19.40 27.59 -30.76
N THR B 314 -21.74 29.03 -24.89
CA THR B 314 -21.88 28.65 -23.48
C THR B 314 -21.19 27.27 -23.28
N SER B 315 -20.00 27.36 -22.65
CA SER B 315 -19.14 26.20 -22.39
C SER B 315 -19.78 25.18 -21.46
N LEU B 316 -20.61 25.66 -20.53
CA LEU B 316 -21.17 24.81 -19.48
C LEU B 316 -21.88 23.59 -20.05
N ALA B 317 -22.69 23.74 -21.10
CA ALA B 317 -23.39 22.59 -21.66
C ALA B 317 -22.43 21.53 -22.23
N ALA B 318 -21.38 21.97 -22.91
CA ALA B 318 -20.41 21.00 -23.43
C ALA B 318 -19.68 20.30 -22.29
N ALA B 319 -19.30 21.05 -21.24
CA ALA B 319 -18.56 20.41 -20.17
C ALA B 319 -19.41 19.34 -19.48
N VAL B 320 -20.64 19.69 -19.10
CA VAL B 320 -21.54 18.69 -18.52
C VAL B 320 -21.61 17.46 -19.40
N LEU B 321 -21.60 17.66 -20.72
CA LEU B 321 -21.62 16.51 -21.62
C LEU B 321 -20.35 15.67 -21.48
N ARG B 322 -19.20 16.33 -21.28
CA ARG B 322 -17.95 15.59 -21.15
C ARG B 322 -17.84 14.88 -19.80
N ILE B 323 -18.30 15.54 -18.72
CA ILE B 323 -18.42 14.83 -17.45
C ILE B 323 -19.17 13.53 -17.71
N HIS B 324 -20.37 13.65 -18.26
CA HIS B 324 -21.22 12.48 -18.41
C HIS B 324 -20.58 11.41 -19.31
N ALA B 325 -19.92 11.79 -20.39
CA ALA B 325 -19.31 10.75 -21.24
C ALA B 325 -18.14 10.06 -20.55
N GLU B 326 -17.34 10.83 -19.81
CA GLU B 326 -16.25 10.26 -19.00
C GLU B 326 -16.79 9.26 -17.99
N ARG B 327 -17.82 9.66 -17.23
CA ARG B 327 -18.43 8.74 -16.28
C ARG B 327 -18.94 7.51 -17.00
N GLY B 328 -19.56 7.72 -18.17
CA GLY B 328 -20.08 6.59 -18.90
C GLY B 328 -19.00 5.60 -19.27
N GLN B 329 -17.86 6.10 -19.74
CA GLN B 329 -16.73 5.23 -20.05
C GLN B 329 -16.25 4.46 -18.82
N THR B 330 -16.10 5.17 -17.69
CA THR B 330 -15.70 4.50 -16.46
C THR B 330 -16.68 3.38 -16.09
N ALA B 331 -17.98 3.67 -16.21
CA ALA B 331 -18.98 2.65 -15.91
C ALA B 331 -18.80 1.45 -16.83
N LYS B 332 -18.47 1.69 -18.09
CA LYS B 332 -18.25 0.57 -19.00
C LYS B 332 -17.11 -0.31 -18.51
N ARG B 333 -15.98 0.30 -18.15
CA ARG B 333 -14.87 -0.47 -17.61
C ARG B 333 -15.28 -1.31 -16.39
N GLU B 334 -16.02 -0.68 -15.45
CA GLU B 334 -16.45 -1.35 -14.22
C GLU B 334 -17.34 -2.55 -14.55
N ILE B 335 -18.26 -2.35 -15.49
CA ILE B 335 -19.20 -3.41 -15.80
C ILE B 335 -18.47 -4.59 -16.41
N ARG B 336 -17.49 -4.32 -17.27
CA ARG B 336 -16.78 -5.45 -17.86
C ARG B 336 -15.85 -6.15 -16.87
N LEU B 337 -15.26 -5.42 -15.92
CA LEU B 337 -14.47 -6.04 -14.84
C LEU B 337 -15.32 -6.99 -14.01
N LEU B 338 -16.44 -6.49 -13.52
CA LEU B 338 -17.32 -7.34 -12.73
C LEU B 338 -17.77 -8.53 -13.55
N SER B 339 -18.07 -8.31 -14.83
CA SER B 339 -18.50 -9.44 -15.65
C SER B 339 -17.40 -10.50 -15.70
N ARG B 340 -16.13 -10.06 -15.76
CA ARG B 340 -15.05 -11.03 -15.70
C ARG B 340 -15.09 -11.81 -14.41
N PHE B 341 -15.11 -11.12 -13.26
CA PHE B 341 -15.14 -11.80 -11.98
C PHE B 341 -16.33 -12.75 -11.85
N THR B 342 -17.51 -12.33 -12.31
CA THR B 342 -18.72 -13.15 -12.19
C THR B 342 -18.67 -14.35 -13.13
N GLY B 343 -18.07 -14.16 -14.31
CA GLY B 343 -17.83 -15.28 -15.19
C GLY B 343 -16.96 -16.33 -14.53
N ALA B 344 -15.84 -15.91 -13.94
CA ALA B 344 -14.98 -16.87 -13.26
C ALA B 344 -15.64 -17.49 -12.03
N ASN B 345 -16.49 -16.71 -11.31
CA ASN B 345 -17.09 -17.12 -10.04
C ASN B 345 -18.61 -16.98 -10.07
N PRO B 346 -19.29 -17.68 -10.96
CA PRO B 346 -20.74 -17.46 -11.10
C PRO B 346 -21.50 -17.79 -9.81
N THR B 347 -20.85 -18.44 -8.86
CA THR B 347 -21.48 -18.85 -7.63
C THR B 347 -21.42 -17.83 -6.49
N VAL B 348 -20.69 -16.73 -6.66
CA VAL B 348 -20.34 -15.78 -5.61
C VAL B 348 -21.35 -14.64 -5.62
N PRO B 349 -22.12 -14.41 -4.54
CA PRO B 349 -22.99 -13.23 -4.50
C PRO B 349 -22.22 -11.90 -4.46
N VAL B 350 -22.82 -10.86 -5.04
CA VAL B 350 -22.17 -9.56 -5.16
C VAL B 350 -23.12 -8.45 -4.71
N VAL B 351 -22.57 -7.41 -4.10
CA VAL B 351 -23.30 -6.17 -3.92
C VAL B 351 -22.38 -5.06 -4.41
N GLY B 352 -22.90 -4.19 -5.27
CA GLY B 352 -22.14 -3.06 -5.75
C GLY B 352 -22.42 -1.84 -4.90
N VAL B 353 -21.37 -1.18 -4.45
CA VAL B 353 -21.55 0.00 -3.61
C VAL B 353 -21.02 1.21 -4.39
N PRO B 354 -21.87 2.17 -4.76
CA PRO B 354 -21.37 3.34 -5.49
C PRO B 354 -20.44 4.18 -4.60
N SER B 355 -19.52 4.88 -5.26
CA SER B 355 -18.73 5.90 -4.58
C SER B 355 -19.61 7.02 -4.05
N LEU B 356 -19.54 7.26 -2.76
CA LEU B 356 -20.41 8.30 -2.19
C LEU B 356 -19.76 9.69 -2.23
N PRO B 357 -20.58 10.78 -2.47
CA PRO B 357 -20.05 12.13 -2.64
C PRO B 357 -19.71 12.85 -1.33
N PHE B 358 -19.01 12.16 -0.44
CA PHE B 358 -18.54 12.72 0.82
C PHE B 358 -17.63 11.67 1.44
N ASP B 359 -16.77 12.10 2.36
CA ASP B 359 -15.88 11.15 3.00
C ASP B 359 -16.65 10.34 4.04
N VAL B 360 -16.25 9.08 4.26
CA VAL B 360 -16.91 8.24 5.30
C VAL B 360 -16.20 8.47 6.64
N SER B 361 -16.36 9.65 7.26
CA SER B 361 -15.65 9.96 8.53
C SER B 361 -16.57 10.22 9.72
N ASP B 362 -17.91 10.05 9.58
CA ASP B 362 -18.82 10.33 10.72
C ASP B 362 -19.89 9.25 10.83
N LEU B 363 -20.49 9.05 12.02
CA LEU B 363 -21.52 8.03 12.14
C LEU B 363 -22.59 8.19 11.05
N GLU B 364 -22.93 9.42 10.68
CA GLU B 364 -23.92 9.61 9.64
C GLU B 364 -23.49 9.09 8.27
N ALA B 365 -22.22 9.27 7.90
CA ALA B 365 -21.75 8.72 6.62
C ALA B 365 -21.68 7.21 6.70
N LEU B 366 -21.31 6.68 7.88
CA LEU B 366 -21.36 5.24 8.07
C LEU B 366 -22.78 4.74 7.83
N ARG B 367 -23.79 5.47 8.31
CA ARG B 367 -25.15 5.03 8.09
C ARG B 367 -25.50 4.99 6.60
N ALA B 368 -25.10 6.02 5.82
CA ALA B 368 -25.40 5.99 4.38
C ALA B 368 -24.69 4.83 3.69
N LEU B 369 -23.42 4.57 4.05
CA LEU B 369 -22.70 3.42 3.51
C LEU B 369 -23.40 2.11 3.85
N ALA B 370 -23.80 1.93 5.11
CA ALA B 370 -24.50 0.72 5.50
C ALA B 370 -25.80 0.59 4.71
N ASP B 371 -26.48 1.71 4.46
CA ASP B 371 -27.66 1.64 3.59
C ASP B 371 -27.30 1.07 2.23
N GLN B 372 -26.15 1.46 1.66
CA GLN B 372 -25.77 0.92 0.35
C GLN B 372 -25.48 -0.57 0.44
N LEU B 373 -24.77 -1.00 1.46
CA LEU B 373 -24.37 -2.41 1.60
C LEU B 373 -25.55 -3.32 1.91
N THR B 374 -26.39 -2.94 2.85
CA THR B 374 -27.50 -3.81 3.27
C THR B 374 -28.54 -4.02 2.17
N THR B 375 -28.88 -3.00 1.41
CA THR B 375 -29.86 -3.19 0.31
C THR B 375 -29.17 -3.77 -0.91
PG ANP C . 3.83 -0.60 -4.17
O1G ANP C . 4.37 0.06 -2.96
O2G ANP C . 2.72 -1.53 -3.90
O3G ANP C . 4.89 -1.08 -5.13
PB ANP C . 3.62 1.44 -6.33
O1B ANP C . 3.89 2.80 -5.84
O2B ANP C . 4.74 0.68 -6.93
N3B ANP C . 2.93 0.59 -5.02
PA ANP C . 2.41 0.94 -8.82
O1A ANP C . 2.29 -0.48 -8.69
O2A ANP C . 3.19 1.53 -9.92
O3A ANP C . 2.57 1.68 -7.46
O5' ANP C . 1.00 1.46 -9.26
C5' ANP C . -0.17 1.11 -8.58
C4' ANP C . -1.20 0.88 -9.64
O4' ANP C . -1.44 2.08 -10.34
C3' ANP C . -0.70 -0.08 -10.66
O3' ANP C . -1.73 -0.99 -10.92
C2' ANP C . -0.38 0.76 -11.86
O2' ANP C . -0.47 -0.03 -13.02
C1' ANP C . -1.36 1.91 -11.73
N9 ANP C . -0.94 3.24 -12.22
C8 ANP C . 0.15 3.89 -11.86
N7 ANP C . 0.23 5.08 -12.47
C5 ANP C . -0.86 5.20 -13.21
C6 ANP C . -1.40 6.22 -14.08
N6 ANP C . -0.79 7.39 -14.32
N1 ANP C . -2.56 5.94 -14.64
C2 ANP C . -3.24 4.82 -14.45
N3 ANP C . -2.79 3.87 -13.67
C4 ANP C . -1.63 4.00 -13.03
MG MG D . 6.25 -1.08 -6.33
#